data_6MU4
#
_entry.id   6MU4
#
_cell.length_a   87.835
_cell.length_b   93.898
_cell.length_c   105.809
_cell.angle_alpha   90.00
_cell.angle_beta   90.00
_cell.angle_gamma   90.00
#
_symmetry.space_group_name_H-M   'P 21 21 21'
#
loop_
_entity.id
_entity.type
_entity.pdbx_description
1 polymer "DNA (5'-D(P*GP*CP*GP*AP*TP*CP*AP*CP*GP*T)-3')"
2 polymer 'DNA polymerase I'
3 polymer "FANA (5'-D(P*(UF2)P*(A5L)P*(CFL)P*(GFL)P*(UF2)P*(GFL)P*(A5L)P*(UF2)P*(CFL)P*(GFL)P*(CFL))-3')"
4 non-polymer (4S)-2-METHYL-2,4-PENTANEDIOL
5 non-polymer 'SULFATE ION'
6 non-polymer 'MAGNESIUM ION'
7 water water
#
loop_
_entity_poly.entity_id
_entity_poly.type
_entity_poly.pdbx_seq_one_letter_code
_entity_poly.pdbx_strand_id
1 'polydeoxyribonucleotide' (DG)(DC)(DG)(DA)(DT)(DC)(DA)(DC)(DG)(DT)(DT) P
2 'polypeptide(L)'
;AFTLADRVTEEMLADKAALVVEVVEENYHDAPIVGIAVVNEHGRFFLRPETALADPQFVAWLGDETKKKSMFDSKRAAVA
LKWKGIELCGVSFDLLLAAYLLDPAQGVDDVAAAAKMKQYEAVRPDEAVYGKGAKRAVPDEPVLAEHLVRKAAAIWALER
PFLDELRRNEQDRLLVELEQPLSSILAEMEFAGVKVDTKRLEQMGEELAEQLRTVEQRIYELAGQEFNINSPKQLGVILF
EKLQLPVLKKTKTGYSTSADVLEKLAPYHEIVENILHYRQLGKLQSTYIEGLLKVVRPDTKKVHTIFNQALTQTGRLSST
EPNLQNIPIRLEEGRKIRQAFVPSESDWLIFAADYSQIELRVLAHIAEDDNLMEAFRRDLDIHTKTAMDIFQVSEDEVTP
NMRRQAKAVNFGIVYGISDYGLAQNLNISRKEAAEFIERYFESFPGVKRYMENIVQEAKQKGYVTTLLHRRRYLPDITSR
NFNVRSFAERMAMNTPIQGSAADIIKKAMIDLNARLKEERLQARLLLQVHDELILEAPKEEMERLCRLVPEVMEQAVTLR
VPLKVDYHYGSTWYDAK
;
A
3 'polydeoxyribonucleotide' (GFL)(UF2)(A5L)(CFL)(GFL)(UF2)(GFL)(A5L)(UF2)(CFL)(GFL)(CFL)(A5L) T
#
loop_
_chem_comp.id
_chem_comp.type
_chem_comp.name
_chem_comp.formula
A5L DNA linking 9-(2-deoxy-2-fluoro-5-O-phosphono-beta-D-arabinofuranosyl)-9H-purin-6-amine 'C10 H13 F N5 O6 P'
CFL DNA linking 4-amino-1-(2-deoxy-2-fluoro-5-O-phosphono-beta-D-arabinofuranosyl)pyrimidin-2(1H)-one 'C9 H13 F N3 O7 P'
DA DNA linking 2'-DEOXYADENOSINE-5'-MONOPHOSPHATE 'C10 H14 N5 O6 P'
DC DNA linking 2'-DEOXYCYTIDINE-5'-MONOPHOSPHATE 'C9 H14 N3 O7 P'
DG DNA linking 2'-DEOXYGUANOSINE-5'-MONOPHOSPHATE 'C10 H14 N5 O7 P'
DT DNA linking THYMIDINE-5'-MONOPHOSPHATE 'C10 H15 N2 O8 P'
GFL DNA linking 2-AMINO-9-(2-DEOXY-2-FLUORO-5-O-PHOSPHONO-BETA-D-ARABINOFURANOSYL)-1,9-DIHYDRO-6H-PURIN-6-ONE 'C10 H13 F N5 O7 P'
MG non-polymer 'MAGNESIUM ION' 'Mg 2'
MPD non-polymer (4S)-2-METHYL-2,4-PENTANEDIOL 'C6 H14 O2'
SO4 non-polymer 'SULFATE ION' 'O4 S -2'
UF2 DNA linking 1-(2-deoxy-2-fluoro-5-O-phosphono-beta-D-arabinofuranosyl)pyrimidine-2,4(1H,3H)-dione 'C9 H12 F N2 O8 P'
#
# COMPACT_ATOMS: atom_id res chain seq x y z
N ALA B 1 -15.15 -16.19 -32.87
CA ALA B 1 -14.53 -17.29 -33.59
C ALA B 1 -13.25 -17.75 -32.89
N PHE B 2 -13.32 -18.90 -32.22
CA PHE B 2 -12.17 -19.43 -31.50
C PHE B 2 -12.29 -20.94 -31.42
N THR B 3 -11.16 -21.57 -31.09
CA THR B 3 -11.08 -23.02 -30.93
C THR B 3 -11.27 -23.37 -29.47
N LEU B 4 -12.26 -24.23 -29.20
CA LEU B 4 -12.46 -24.78 -27.87
C LEU B 4 -11.61 -26.03 -28.00
N ALA B 5 -10.42 -26.01 -27.40
CA ALA B 5 -9.47 -27.10 -27.59
C ALA B 5 -9.65 -28.16 -26.51
N ASP B 6 -9.44 -29.42 -26.90
CA ASP B 6 -9.38 -30.52 -25.95
C ASP B 6 -7.95 -30.99 -25.68
N ARG B 7 -7.02 -30.52 -26.45
CA ARG B 7 -5.64 -30.78 -26.22
C ARG B 7 -4.77 -29.63 -26.62
N VAL B 8 -3.62 -29.53 -26.02
CA VAL B 8 -2.66 -28.49 -26.37
C VAL B 8 -1.95 -28.87 -27.67
N THR B 9 -1.78 -27.90 -28.56
CA THR B 9 -1.09 -28.13 -29.82
C THR B 9 0.07 -27.15 -29.95
N GLU B 10 0.99 -27.47 -30.86
CA GLU B 10 2.18 -26.65 -31.04
C GLU B 10 1.82 -25.23 -31.44
N GLU B 11 0.74 -25.04 -32.16
CA GLU B 11 0.27 -23.76 -32.60
C GLU B 11 -0.03 -22.85 -31.42
N MET B 12 -0.37 -23.44 -30.31
CA MET B 12 -0.73 -22.69 -29.13
C MET B 12 0.50 -22.18 -28.36
N LEU B 13 1.70 -22.59 -28.77
CA LEU B 13 2.91 -22.35 -28.00
C LEU B 13 3.88 -21.42 -28.71
N ALA B 14 3.35 -20.34 -29.31
CA ALA B 14 4.14 -19.45 -30.14
C ALA B 14 4.98 -18.49 -29.31
N ASP B 15 5.90 -17.80 -30.00
CA ASP B 15 6.87 -16.89 -29.38
C ASP B 15 6.22 -15.70 -28.68
N LYS B 16 4.99 -15.36 -29.05
CA LYS B 16 4.29 -14.23 -28.44
C LYS B 16 2.80 -14.54 -28.44
N ALA B 17 2.15 -14.26 -27.32
CA ALA B 17 0.73 -14.56 -27.16
C ALA B 17 0.14 -13.66 -26.09
N ALA B 18 -1.14 -13.34 -26.24
CA ALA B 18 -1.94 -12.87 -25.12
C ALA B 18 -2.42 -14.08 -24.33
N LEU B 19 -2.26 -14.06 -23.02
CA LEU B 19 -2.57 -15.22 -22.18
C LEU B 19 -3.53 -14.79 -21.07
N VAL B 20 -4.57 -15.58 -20.87
CA VAL B 20 -5.52 -15.40 -19.78
C VAL B 20 -5.51 -16.69 -18.96
N VAL B 21 -5.15 -16.58 -17.69
CA VAL B 21 -5.19 -17.71 -16.75
C VAL B 21 -6.15 -17.27 -15.65
N GLU B 22 -7.42 -17.66 -15.75
CA GLU B 22 -8.50 -16.97 -15.05
C GLU B 22 -8.68 -17.51 -13.63
N VAL B 23 -8.53 -16.63 -12.64
CA VAL B 23 -8.80 -16.94 -11.24
C VAL B 23 -9.93 -16.03 -10.81
N VAL B 24 -11.10 -16.62 -10.56
CA VAL B 24 -12.29 -15.83 -10.27
C VAL B 24 -12.41 -15.47 -8.79
N GLU B 25 -11.94 -16.34 -7.89
CA GLU B 25 -11.96 -16.00 -6.48
C GLU B 25 -11.14 -14.74 -6.22
N GLU B 26 -11.71 -13.82 -5.43
CA GLU B 26 -11.05 -12.55 -5.16
C GLU B 26 -9.66 -12.77 -4.57
N ASN B 27 -9.59 -13.63 -3.56
CA ASN B 27 -8.30 -13.99 -2.97
C ASN B 27 -7.74 -15.17 -3.77
N TYR B 28 -6.67 -14.93 -4.51
CA TYR B 28 -6.19 -15.93 -5.46
C TYR B 28 -5.23 -16.95 -4.83
N HIS B 29 -4.92 -16.84 -3.55
CA HIS B 29 -4.01 -17.81 -2.94
C HIS B 29 -4.66 -19.20 -2.90
N ASP B 30 -3.99 -20.17 -3.48
CA ASP B 30 -4.44 -21.55 -3.56
C ASP B 30 -5.85 -21.67 -4.14
N ALA B 31 -6.15 -20.80 -5.08
CA ALA B 31 -7.49 -20.73 -5.64
C ALA B 31 -7.57 -21.47 -6.96
N PRO B 32 -8.77 -21.83 -7.39
CA PRO B 32 -8.92 -22.54 -8.67
C PRO B 32 -8.59 -21.65 -9.85
N ILE B 33 -8.02 -22.27 -10.88
CA ILE B 33 -7.94 -21.67 -12.20
C ILE B 33 -9.10 -22.24 -13.00
N VAL B 34 -10.02 -21.38 -13.45
CA VAL B 34 -11.28 -21.88 -14.00
C VAL B 34 -11.23 -22.05 -15.52
N GLY B 35 -10.20 -21.53 -16.18
CA GLY B 35 -10.10 -21.59 -17.62
C GLY B 35 -8.89 -20.83 -18.14
N ILE B 36 -8.49 -21.12 -19.36
CA ILE B 36 -7.29 -20.54 -19.95
C ILE B 36 -7.61 -20.13 -21.38
N ALA B 37 -7.14 -18.95 -21.80
CA ALA B 37 -7.25 -18.55 -23.20
C ALA B 37 -5.90 -18.08 -23.71
N VAL B 38 -5.63 -18.40 -24.97
CA VAL B 38 -4.39 -18.04 -25.66
C VAL B 38 -4.78 -17.42 -26.99
N VAL B 39 -4.31 -16.21 -27.26
CA VAL B 39 -4.45 -15.60 -28.58
C VAL B 39 -3.06 -15.30 -29.12
N ASN B 40 -2.77 -15.77 -30.33
CA ASN B 40 -1.45 -15.52 -30.92
C ASN B 40 -1.62 -15.43 -32.43
N GLU B 41 -0.50 -15.41 -33.16
CA GLU B 41 -0.56 -15.23 -34.60
C GLU B 41 -1.32 -16.36 -35.29
N HIS B 42 -1.46 -17.51 -34.63
CA HIS B 42 -2.02 -18.70 -35.25
C HIS B 42 -3.51 -18.88 -34.96
N GLY B 43 -4.06 -18.18 -33.99
CA GLY B 43 -5.48 -18.27 -33.73
C GLY B 43 -5.80 -17.94 -32.29
N ARG B 44 -7.01 -18.33 -31.89
CA ARG B 44 -7.55 -18.05 -30.57
C ARG B 44 -8.01 -19.36 -29.95
N PHE B 45 -7.58 -19.63 -28.73
CA PHE B 45 -7.77 -20.95 -28.16
C PHE B 45 -8.29 -20.84 -26.73
N PHE B 46 -9.25 -21.69 -26.39
CA PHE B 46 -9.68 -21.88 -25.01
C PHE B 46 -9.21 -23.25 -24.56
N LEU B 47 -8.58 -23.31 -23.40
CA LEU B 47 -8.08 -24.56 -22.84
C LEU B 47 -8.68 -24.78 -21.46
N ARG B 48 -9.10 -26.01 -21.20
CA ARG B 48 -9.52 -26.37 -19.86
C ARG B 48 -8.30 -26.58 -18.97
N PRO B 49 -8.25 -25.99 -17.78
CA PRO B 49 -7.00 -26.03 -17.01
C PRO B 49 -6.61 -27.41 -16.56
N GLU B 50 -7.57 -28.30 -16.26
CA GLU B 50 -7.19 -29.65 -15.85
C GLU B 50 -6.40 -30.34 -16.94
N THR B 51 -6.61 -29.97 -18.19
CA THR B 51 -5.87 -30.52 -19.31
C THR B 51 -4.54 -29.79 -19.53
N ALA B 52 -4.62 -28.47 -19.73
CA ALA B 52 -3.45 -27.70 -20.11
C ALA B 52 -2.38 -27.71 -19.02
N LEU B 53 -2.79 -27.60 -17.76
CA LEU B 53 -1.83 -27.52 -16.68
C LEU B 53 -1.21 -28.87 -16.35
N ALA B 54 -1.78 -29.95 -16.88
CA ALA B 54 -1.18 -31.28 -16.82
C ALA B 54 -0.33 -31.58 -18.04
N ASP B 55 -0.28 -30.68 -19.01
CA ASP B 55 0.43 -30.94 -20.26
C ASP B 55 1.87 -30.45 -20.15
N PRO B 56 2.87 -31.34 -20.24
CA PRO B 56 4.25 -30.87 -20.03
C PRO B 56 4.69 -29.81 -21.03
N GLN B 57 4.24 -29.88 -22.29
CA GLN B 57 4.62 -28.84 -23.25
C GLN B 57 4.04 -27.48 -22.86
N PHE B 58 2.77 -27.45 -22.43
CA PHE B 58 2.18 -26.18 -22.04
C PHE B 58 2.88 -25.62 -20.80
N VAL B 59 3.20 -26.48 -19.83
CA VAL B 59 3.88 -26.01 -18.62
C VAL B 59 5.27 -25.48 -18.94
N ALA B 60 6.00 -26.16 -19.83
CA ALA B 60 7.30 -25.64 -20.26
C ALA B 60 7.15 -24.29 -20.94
N TRP B 61 6.15 -24.16 -21.81
CA TRP B 61 5.90 -22.87 -22.46
C TRP B 61 5.64 -21.77 -21.43
N LEU B 62 4.80 -22.05 -20.43
CA LEU B 62 4.51 -21.07 -19.39
C LEU B 62 5.79 -20.58 -18.71
N GLY B 63 6.71 -21.50 -18.43
CA GLY B 63 7.93 -21.19 -17.70
C GLY B 63 9.08 -20.71 -18.53
N ASP B 64 8.93 -20.63 -19.86
CA ASP B 64 10.01 -20.27 -20.75
C ASP B 64 10.03 -18.76 -20.92
N GLU B 65 11.07 -18.11 -20.37
CA GLU B 65 11.16 -16.66 -20.40
C GLU B 65 11.27 -16.11 -21.83
N THR B 66 11.69 -16.93 -22.80
CA THR B 66 11.76 -16.46 -24.18
C THR B 66 10.43 -16.52 -24.90
N LYS B 67 9.42 -17.14 -24.29
CA LYS B 67 8.07 -17.18 -24.84
C LYS B 67 7.31 -16.03 -24.17
N LYS B 68 7.05 -14.97 -24.93
CA LYS B 68 6.53 -13.75 -24.33
C LYS B 68 5.01 -13.77 -24.24
N LYS B 69 4.50 -13.31 -23.10
CA LYS B 69 3.07 -13.25 -22.84
C LYS B 69 2.63 -11.84 -22.47
N SER B 70 1.49 -11.43 -23.02
CA SER B 70 0.80 -10.23 -22.59
C SER B 70 -0.42 -10.65 -21.78
N MET B 71 -0.60 -10.02 -20.63
CA MET B 71 -1.63 -10.42 -19.69
C MET B 71 -2.25 -9.20 -19.04
N PHE B 72 -3.27 -9.44 -18.24
CA PHE B 72 -3.84 -8.44 -17.35
C PHE B 72 -3.77 -9.00 -15.94
N ASP B 73 -3.09 -8.27 -15.05
CA ASP B 73 -2.86 -8.70 -13.66
C ASP B 73 -2.15 -10.06 -13.63
N SER B 74 -0.95 -10.07 -14.19
CA SER B 74 -0.18 -11.31 -14.27
C SER B 74 0.17 -11.84 -12.88
N LYS B 75 0.26 -10.97 -11.85
CA LYS B 75 0.60 -11.48 -10.52
C LYS B 75 -0.47 -12.44 -10.01
N ARG B 76 -1.74 -12.16 -10.30
CA ARG B 76 -2.81 -13.07 -9.89
C ARG B 76 -2.60 -14.47 -10.46
N ALA B 77 -2.31 -14.56 -11.75
CA ALA B 77 -2.05 -15.85 -12.38
C ALA B 77 -0.76 -16.47 -11.86
N ALA B 78 0.29 -15.65 -11.74
CA ALA B 78 1.57 -16.17 -11.28
C ALA B 78 1.44 -16.82 -9.91
N VAL B 79 0.70 -16.20 -9.00
CA VAL B 79 0.58 -16.76 -7.65
C VAL B 79 -0.30 -18.00 -7.63
N ALA B 80 -1.44 -17.95 -8.33
CA ALA B 80 -2.29 -19.13 -8.39
C ALA B 80 -1.53 -20.32 -8.99
N LEU B 81 -0.65 -20.05 -9.96
CA LEU B 81 0.16 -21.12 -10.52
C LEU B 81 1.25 -21.58 -9.55
N LYS B 82 1.84 -20.65 -8.77
CA LYS B 82 2.82 -21.07 -7.77
C LYS B 82 2.22 -22.09 -6.80
N TRP B 83 0.97 -21.89 -6.39
CA TRP B 83 0.34 -22.82 -5.47
C TRP B 83 0.14 -24.19 -6.11
N LYS B 84 0.19 -24.26 -7.45
CA LYS B 84 0.10 -25.50 -8.18
C LYS B 84 1.48 -26.00 -8.63
N GLY B 85 2.54 -25.36 -8.17
CA GLY B 85 3.89 -25.79 -8.50
C GLY B 85 4.34 -25.45 -9.90
N ILE B 86 3.73 -24.44 -10.52
CA ILE B 86 3.99 -24.08 -11.91
C ILE B 86 4.56 -22.65 -11.95
N GLU B 87 5.66 -22.48 -12.68
CA GLU B 87 6.31 -21.19 -12.82
C GLU B 87 5.82 -20.48 -14.09
N LEU B 88 5.43 -19.22 -13.94
CA LEU B 88 5.06 -18.36 -15.06
C LEU B 88 6.22 -17.40 -15.34
N CYS B 89 6.78 -17.47 -16.54
CA CYS B 89 7.85 -16.58 -16.94
C CYS B 89 7.50 -15.89 -18.24
N GLY B 90 8.25 -14.84 -18.56
CA GLY B 90 8.14 -14.22 -19.87
C GLY B 90 7.00 -13.24 -20.05
N VAL B 91 6.42 -12.74 -18.96
CA VAL B 91 5.33 -11.77 -19.08
C VAL B 91 5.94 -10.43 -19.45
N SER B 92 5.80 -10.02 -20.71
CA SER B 92 6.44 -8.81 -21.23
C SER B 92 5.53 -7.58 -21.19
N PHE B 93 4.23 -7.76 -20.99
CA PHE B 93 3.29 -6.65 -20.97
C PHE B 93 2.15 -7.01 -20.03
N ASP B 94 1.89 -6.13 -19.06
CA ASP B 94 0.76 -6.30 -18.14
C ASP B 94 -0.17 -5.12 -18.32
N LEU B 95 -1.33 -5.39 -18.93
CA LEU B 95 -2.27 -4.32 -19.25
C LEU B 95 -2.79 -3.62 -18.00
N LEU B 96 -2.91 -4.32 -16.88
CA LEU B 96 -3.34 -3.66 -15.65
C LEU B 96 -2.34 -2.60 -15.25
N LEU B 97 -1.06 -2.97 -15.22
CA LEU B 97 -0.04 -2.02 -14.81
C LEU B 97 0.11 -0.91 -15.84
N ALA B 98 -0.10 -1.24 -17.12
CA ALA B 98 -0.02 -0.21 -18.15
C ALA B 98 -1.12 0.83 -17.96
N ALA B 99 -2.35 0.37 -17.71
CA ALA B 99 -3.44 1.32 -17.50
C ALA B 99 -3.23 2.11 -16.21
N TYR B 100 -2.75 1.47 -15.16
CA TYR B 100 -2.48 2.16 -13.91
C TYR B 100 -1.49 3.31 -14.10
N LEU B 101 -0.42 3.07 -14.85
CA LEU B 101 0.55 4.13 -15.07
C LEU B 101 -0.03 5.26 -15.91
N LEU B 102 -0.82 4.92 -16.93
CA LEU B 102 -1.35 5.97 -17.79
C LEU B 102 -2.28 6.90 -17.03
N ASP B 103 -3.06 6.36 -16.12
CA ASP B 103 -3.96 7.19 -15.31
C ASP B 103 -4.46 6.39 -14.12
N PRO B 104 -3.83 6.55 -12.96
CA PRO B 104 -4.25 5.77 -11.79
C PRO B 104 -5.64 6.16 -11.26
N ALA B 105 -6.21 7.28 -11.70
CA ALA B 105 -7.51 7.71 -11.20
C ALA B 105 -8.66 6.99 -11.87
N GLN B 106 -8.40 6.19 -12.91
CA GLN B 106 -9.46 5.51 -13.63
C GLN B 106 -10.03 4.33 -12.85
N GLY B 107 -9.27 3.79 -11.90
CA GLY B 107 -9.71 2.64 -11.14
C GLY B 107 -9.85 1.36 -11.95
N VAL B 108 -9.05 1.18 -12.99
CA VAL B 108 -9.18 0.04 -13.90
C VAL B 108 -9.19 -1.28 -13.14
N ASP B 109 -10.36 -1.91 -13.06
CA ASP B 109 -10.59 -3.16 -12.33
C ASP B 109 -10.41 -4.39 -13.19
N ASP B 110 -10.61 -4.24 -14.50
CA ASP B 110 -10.69 -5.40 -15.37
C ASP B 110 -10.29 -4.99 -16.78
N VAL B 111 -10.15 -6.01 -17.63
CA VAL B 111 -9.78 -5.77 -19.03
C VAL B 111 -10.75 -4.81 -19.69
N ALA B 112 -12.06 -4.98 -19.46
CA ALA B 112 -13.04 -4.10 -20.13
C ALA B 112 -12.78 -2.63 -19.79
N ALA B 113 -12.40 -2.33 -18.54
CA ALA B 113 -12.19 -0.93 -18.18
C ALA B 113 -10.94 -0.38 -18.87
N ALA B 114 -9.89 -1.19 -18.94
CA ALA B 114 -8.69 -0.79 -19.68
C ALA B 114 -9.02 -0.61 -21.16
N ALA B 115 -9.78 -1.53 -21.72
CA ALA B 115 -10.13 -1.47 -23.14
C ALA B 115 -10.89 -0.20 -23.48
N LYS B 116 -11.78 0.25 -22.58
CA LYS B 116 -12.55 1.45 -22.85
C LYS B 116 -11.65 2.69 -22.99
N MET B 117 -10.46 2.67 -22.39
CA MET B 117 -9.53 3.79 -22.55
C MET B 117 -9.13 4.00 -24.00
N LYS B 118 -9.19 2.96 -24.83
CA LYS B 118 -8.83 3.05 -26.24
C LYS B 118 -10.00 2.68 -27.15
N GLN B 119 -11.22 2.96 -26.70
CA GLN B 119 -12.41 2.81 -27.55
C GLN B 119 -12.58 1.38 -28.03
N TYR B 120 -12.13 0.41 -27.25
CA TYR B 120 -12.31 -1.01 -27.52
C TYR B 120 -13.39 -1.52 -26.58
N GLU B 121 -14.50 -2.02 -27.13
CA GLU B 121 -15.62 -2.40 -26.29
C GLU B 121 -16.12 -3.81 -26.58
N ALA B 122 -15.35 -4.62 -27.32
CA ALA B 122 -15.78 -5.97 -27.65
C ALA B 122 -15.41 -6.98 -26.57
N VAL B 123 -15.58 -6.60 -25.30
CA VAL B 123 -15.29 -7.46 -24.17
C VAL B 123 -16.18 -6.99 -23.02
N ARG B 124 -16.66 -7.96 -22.21
CA ARG B 124 -17.57 -7.55 -21.14
C ARG B 124 -16.80 -7.33 -19.84
N PRO B 125 -17.34 -6.48 -18.95
CA PRO B 125 -16.77 -6.39 -17.61
C PRO B 125 -16.88 -7.71 -16.88
N ASP B 126 -15.87 -8.04 -16.06
CA ASP B 126 -15.92 -9.26 -15.28
C ASP B 126 -17.20 -9.34 -14.44
N GLU B 127 -17.60 -8.21 -13.83
CA GLU B 127 -18.79 -8.20 -12.99
C GLU B 127 -20.04 -8.62 -13.75
N ALA B 128 -20.13 -8.26 -15.04
CA ALA B 128 -21.27 -8.66 -15.83
C ALA B 128 -21.28 -10.15 -16.11
N VAL B 129 -20.10 -10.78 -16.16
CA VAL B 129 -20.03 -12.20 -16.46
C VAL B 129 -20.21 -13.04 -15.20
N TYR B 130 -19.53 -12.65 -14.10
CA TYR B 130 -19.51 -13.46 -12.89
C TYR B 130 -20.55 -13.05 -11.85
N GLY B 131 -21.17 -11.89 -12.01
CA GLY B 131 -22.11 -11.41 -11.01
C GLY B 131 -21.41 -10.83 -9.81
N LYS B 132 -22.20 -10.41 -8.82
CA LYS B 132 -21.67 -9.69 -7.66
C LYS B 132 -22.12 -10.35 -6.37
N GLY B 133 -21.20 -10.45 -5.43
CA GLY B 133 -21.53 -10.86 -4.07
C GLY B 133 -22.13 -12.26 -4.00
N ALA B 134 -23.35 -12.34 -3.47
CA ALA B 134 -23.96 -13.65 -3.24
C ALA B 134 -24.22 -14.39 -4.55
N LYS B 135 -24.60 -13.66 -5.60
CA LYS B 135 -24.90 -14.28 -6.88
C LYS B 135 -23.66 -14.59 -7.71
N ARG B 136 -22.47 -14.28 -7.20
CA ARG B 136 -21.25 -14.48 -7.96
C ARG B 136 -21.04 -15.96 -8.25
N ALA B 137 -20.68 -16.29 -9.48
CA ALA B 137 -20.53 -17.69 -9.87
C ALA B 137 -19.81 -17.78 -11.20
N VAL B 138 -19.11 -18.89 -11.41
CA VAL B 138 -18.51 -19.16 -12.71
C VAL B 138 -19.61 -19.64 -13.67
N PRO B 139 -19.76 -19.03 -14.84
CA PRO B 139 -20.81 -19.49 -15.76
C PRO B 139 -20.41 -20.77 -16.48
N ASP B 140 -21.36 -21.30 -17.23
CA ASP B 140 -21.13 -22.50 -18.01
C ASP B 140 -20.05 -22.26 -19.06
N GLU B 141 -19.44 -23.36 -19.51
CA GLU B 141 -18.23 -23.27 -20.33
C GLU B 141 -18.39 -22.40 -21.57
N PRO B 142 -19.44 -22.56 -22.39
CA PRO B 142 -19.55 -21.68 -23.57
C PRO B 142 -19.48 -20.21 -23.23
N VAL B 143 -20.16 -19.77 -22.17
CA VAL B 143 -20.11 -18.37 -21.75
C VAL B 143 -18.73 -18.03 -21.20
N LEU B 144 -18.18 -18.90 -20.35
CA LEU B 144 -16.85 -18.66 -19.79
C LEU B 144 -15.80 -18.55 -20.89
N ALA B 145 -15.81 -19.49 -21.83
CA ALA B 145 -14.77 -19.53 -22.86
C ALA B 145 -14.83 -18.30 -23.76
N GLU B 146 -16.04 -17.85 -24.12
CA GLU B 146 -16.12 -16.65 -24.94
C GLU B 146 -15.56 -15.44 -24.19
N HIS B 147 -15.84 -15.34 -22.90
CA HIS B 147 -15.35 -14.21 -22.11
C HIS B 147 -13.83 -14.22 -22.06
N LEU B 148 -13.24 -15.38 -21.77
CA LEU B 148 -11.79 -15.40 -21.64
C LEU B 148 -11.10 -15.14 -22.97
N VAL B 149 -11.66 -15.68 -24.06
CA VAL B 149 -11.10 -15.38 -25.39
C VAL B 149 -11.27 -13.91 -25.72
N ARG B 150 -12.42 -13.32 -25.38
CA ARG B 150 -12.58 -11.88 -25.61
C ARG B 150 -11.59 -11.07 -24.79
N LYS B 151 -11.28 -11.51 -23.57
CA LYS B 151 -10.28 -10.79 -22.80
C LYS B 151 -8.89 -10.92 -23.43
N ALA B 152 -8.54 -12.13 -23.88
CA ALA B 152 -7.25 -12.32 -24.52
C ALA B 152 -7.14 -11.53 -25.81
N ALA B 153 -8.22 -11.52 -26.60
CA ALA B 153 -8.21 -10.75 -27.84
C ALA B 153 -8.08 -9.26 -27.56
N ALA B 154 -8.71 -8.76 -26.49
CA ALA B 154 -8.56 -7.36 -26.13
C ALA B 154 -7.12 -7.04 -25.77
N ILE B 155 -6.51 -7.88 -24.94
CA ILE B 155 -5.11 -7.68 -24.57
C ILE B 155 -4.23 -7.65 -25.81
N TRP B 156 -4.45 -8.61 -26.71
CA TRP B 156 -3.68 -8.68 -27.95
C TRP B 156 -3.79 -7.39 -28.75
N ALA B 157 -4.98 -6.82 -28.83
CA ALA B 157 -5.18 -5.61 -29.62
C ALA B 157 -4.74 -4.34 -28.89
N LEU B 158 -4.67 -4.35 -27.57
CA LEU B 158 -4.45 -3.12 -26.82
C LEU B 158 -2.98 -2.88 -26.46
N GLU B 159 -2.14 -3.90 -26.56
CA GLU B 159 -0.75 -3.75 -26.17
C GLU B 159 -0.10 -2.59 -26.92
N ARG B 160 -0.29 -2.53 -28.23
CA ARG B 160 0.40 -1.49 -29.01
C ARG B 160 -0.09 -0.10 -28.66
N PRO B 161 -1.39 0.19 -28.65
CA PRO B 161 -1.83 1.55 -28.27
C PRO B 161 -1.37 1.94 -26.88
N PHE B 162 -1.41 1.01 -25.93
CA PHE B 162 -0.96 1.36 -24.57
C PHE B 162 0.53 1.66 -24.53
N LEU B 163 1.36 0.81 -25.15
CA LEU B 163 2.79 1.07 -25.15
C LEU B 163 3.10 2.38 -25.87
N ASP B 164 2.36 2.70 -26.94
CA ASP B 164 2.58 3.95 -27.64
C ASP B 164 2.34 5.14 -26.71
N GLU B 165 1.24 5.12 -25.94
CA GLU B 165 0.99 6.26 -25.05
C GLU B 165 1.98 6.28 -23.90
N LEU B 166 2.34 5.13 -23.36
CA LEU B 166 3.38 5.10 -22.32
C LEU B 166 4.67 5.70 -22.86
N ARG B 167 5.07 5.34 -24.09
CA ARG B 167 6.27 5.95 -24.65
C ARG B 167 6.14 7.46 -24.78
N ARG B 168 4.99 7.93 -25.25
CA ARG B 168 4.80 9.37 -25.35
C ARG B 168 4.93 10.06 -24.01
N ASN B 169 4.47 9.40 -22.93
CA ASN B 169 4.56 9.91 -21.57
C ASN B 169 5.92 9.72 -20.94
N GLU B 170 6.86 9.09 -21.65
CA GLU B 170 8.15 8.68 -21.08
C GLU B 170 7.95 7.77 -19.86
N GLN B 171 6.98 6.86 -19.97
CA GLN B 171 6.66 5.89 -18.94
C GLN B 171 6.90 4.45 -19.38
N ASP B 172 7.48 4.23 -20.56
CA ASP B 172 7.66 2.85 -21.03
C ASP B 172 8.68 2.11 -20.18
N ARG B 173 9.77 2.78 -19.77
CA ARG B 173 10.71 2.12 -18.89
C ARG B 173 10.13 1.95 -17.49
N LEU B 174 9.30 2.90 -17.05
CA LEU B 174 8.62 2.73 -15.76
C LEU B 174 7.82 1.44 -15.74
N LEU B 175 7.14 1.11 -16.84
CA LEU B 175 6.39 -0.14 -16.88
C LEU B 175 7.34 -1.34 -16.94
N VAL B 176 8.29 -1.31 -17.88
CA VAL B 176 9.02 -2.53 -18.22
C VAL B 176 10.17 -2.79 -17.26
N GLU B 177 10.77 -1.73 -16.70
CA GLU B 177 11.92 -1.87 -15.83
C GLU B 177 11.60 -1.70 -14.35
N LEU B 178 10.43 -1.18 -13.99
CA LEU B 178 10.07 -1.01 -12.59
C LEU B 178 8.81 -1.80 -12.24
N GLU B 179 7.63 -1.44 -12.78
CA GLU B 179 6.43 -2.08 -12.26
C GLU B 179 6.35 -3.56 -12.61
N GLN B 180 6.71 -3.95 -13.84
CA GLN B 180 6.57 -5.35 -14.20
C GLN B 180 7.56 -6.22 -13.42
N PRO B 181 8.86 -5.89 -13.35
CA PRO B 181 9.74 -6.68 -12.47
C PRO B 181 9.26 -6.71 -11.03
N LEU B 182 8.74 -5.58 -10.52
CA LEU B 182 8.26 -5.57 -9.15
C LEU B 182 7.10 -6.53 -8.96
N SER B 183 6.20 -6.60 -9.95
CA SER B 183 5.09 -7.54 -9.86
C SER B 183 5.56 -8.96 -9.58
N SER B 184 6.65 -9.40 -10.23
CA SER B 184 7.14 -10.75 -10.00
C SER B 184 7.68 -10.91 -8.59
N ILE B 185 8.36 -9.88 -8.10
CA ILE B 185 8.90 -9.91 -6.75
C ILE B 185 7.78 -9.95 -5.72
N LEU B 186 6.74 -9.13 -5.91
CA LEU B 186 5.58 -9.19 -5.03
C LEU B 186 4.94 -10.56 -5.06
N ALA B 187 4.82 -11.18 -6.24
CA ALA B 187 4.22 -12.51 -6.33
C ALA B 187 4.98 -13.49 -5.44
N GLU B 188 6.32 -13.46 -5.49
CA GLU B 188 7.13 -14.33 -4.66
C GLU B 188 6.93 -14.04 -3.17
N MET B 189 6.84 -12.76 -2.81
CA MET B 189 6.64 -12.38 -1.41
C MET B 189 5.32 -12.89 -0.88
N GLU B 190 4.29 -12.73 -1.68
CA GLU B 190 2.97 -13.16 -1.27
C GLU B 190 2.90 -14.69 -1.10
N PHE B 191 3.49 -15.39 -2.04
CA PHE B 191 3.50 -16.84 -1.99
C PHE B 191 4.32 -17.34 -0.80
N ALA B 192 5.48 -16.71 -0.54
CA ALA B 192 6.28 -17.10 0.61
C ALA B 192 5.50 -16.93 1.91
N GLY B 193 4.80 -15.82 2.05
CA GLY B 193 4.03 -15.51 3.25
C GLY B 193 4.93 -15.16 4.42
N VAL B 194 4.29 -14.82 5.53
CA VAL B 194 4.97 -14.52 6.79
C VAL B 194 4.41 -15.41 7.88
N LYS B 195 5.30 -16.12 8.57
CA LYS B 195 4.88 -17.02 9.63
C LYS B 195 4.32 -16.23 10.80
N VAL B 196 3.23 -16.73 11.38
CA VAL B 196 2.56 -16.05 12.47
C VAL B 196 2.58 -16.95 13.70
N ASP B 197 2.93 -16.36 14.84
CA ASP B 197 2.90 -17.02 16.14
C ASP B 197 1.47 -16.92 16.66
N THR B 198 0.62 -17.86 16.23
CA THR B 198 -0.78 -17.78 16.61
C THR B 198 -0.98 -17.99 18.10
N LYS B 199 -0.10 -18.78 18.73
CA LYS B 199 -0.20 -18.94 20.18
C LYS B 199 -0.02 -17.61 20.88
N ARG B 200 0.96 -16.81 20.43
CA ARG B 200 1.17 -15.49 21.01
C ARG B 200 -0.04 -14.59 20.76
N LEU B 201 -0.62 -14.65 19.56
CA LEU B 201 -1.80 -13.82 19.27
C LEU B 201 -2.96 -14.20 20.18
N GLU B 202 -3.20 -15.50 20.35
CA GLU B 202 -4.28 -15.93 21.22
C GLU B 202 -4.02 -15.51 22.66
N GLN B 203 -2.75 -15.54 23.07
CA GLN B 203 -2.36 -15.04 24.39
C GLN B 203 -2.69 -13.56 24.51
N MET B 204 -2.30 -12.76 23.51
CA MET B 204 -2.64 -11.34 23.52
C MET B 204 -4.15 -11.15 23.59
N GLY B 205 -4.90 -11.91 22.80
CA GLY B 205 -6.35 -11.80 22.84
C GLY B 205 -6.93 -12.08 24.21
N GLU B 206 -6.37 -13.04 24.90
CA GLU B 206 -6.85 -13.39 26.21
C GLU B 206 -6.62 -12.29 27.21
N GLU B 207 -5.47 -11.68 27.14
CA GLU B 207 -5.18 -10.54 28.00
C GLU B 207 -6.11 -9.38 27.71
N LEU B 208 -6.32 -9.09 26.42
CA LEU B 208 -7.26 -8.04 26.04
C LEU B 208 -8.66 -8.35 26.53
N ALA B 209 -9.08 -9.62 26.42
CA ALA B 209 -10.42 -9.97 26.86
C ALA B 209 -10.60 -9.70 28.35
N GLU B 210 -9.57 -10.02 29.16
CA GLU B 210 -9.65 -9.78 30.58
C GLU B 210 -9.77 -8.29 30.89
N GLN B 211 -8.92 -7.48 30.28
CA GLN B 211 -8.97 -6.03 30.51
C GLN B 211 -10.28 -5.44 30.00
N LEU B 212 -10.77 -5.94 28.86
CA LEU B 212 -12.05 -5.47 28.34
C LEU B 212 -13.18 -5.79 29.31
N ARG B 213 -13.18 -6.95 29.90
CA ARG B 213 -14.23 -7.31 30.82
C ARG B 213 -14.23 -6.44 32.02
N THR B 214 -13.08 -6.02 32.45
CA THR B 214 -13.04 -5.15 33.63
C THR B 214 -13.47 -3.72 33.30
N VAL B 215 -13.00 -3.17 32.18
CA VAL B 215 -13.39 -1.80 31.84
C VAL B 215 -14.88 -1.74 31.51
N GLU B 216 -15.39 -2.76 30.82
CA GLU B 216 -16.81 -2.81 30.51
C GLU B 216 -17.67 -2.76 31.77
N GLN B 217 -17.30 -3.56 32.79
CA GLN B 217 -18.03 -3.49 34.05
C GLN B 217 -17.93 -2.11 34.69
N ARG B 218 -16.75 -1.48 34.57
CA ARG B 218 -16.59 -0.14 35.12
C ARG B 218 -17.52 0.84 34.43
N ILE B 219 -17.72 0.68 33.12
CA ILE B 219 -18.55 1.60 32.35
C ILE B 219 -20.02 1.40 32.71
N TYR B 220 -20.46 0.16 32.88
CA TYR B 220 -21.85 -0.08 33.27
C TYR B 220 -22.15 0.52 34.64
N GLU B 221 -21.24 0.34 35.59
CA GLU B 221 -21.44 0.93 36.91
C GLU B 221 -21.53 2.45 36.81
N LEU B 222 -20.64 3.07 36.04
CA LEU B 222 -20.65 4.52 35.91
C LEU B 222 -21.86 5.01 35.12
N ALA B 223 -22.33 4.23 34.15
CA ALA B 223 -23.52 4.59 33.39
C ALA B 223 -24.82 4.26 34.12
N GLY B 224 -24.75 3.53 35.24
CA GLY B 224 -25.92 3.09 35.98
C GLY B 224 -26.75 2.07 35.21
N GLN B 225 -26.19 1.47 34.16
CA GLN B 225 -27.01 0.67 33.25
C GLN B 225 -26.11 -0.03 32.25
N GLU B 226 -26.53 -1.23 31.84
CA GLU B 226 -25.81 -1.96 30.81
C GLU B 226 -26.30 -1.54 29.43
N PHE B 227 -25.37 -1.46 28.48
CA PHE B 227 -25.72 -1.15 27.11
C PHE B 227 -24.59 -1.68 26.22
N ASN B 228 -24.81 -1.60 24.92
CA ASN B 228 -23.77 -2.01 23.97
C ASN B 228 -22.82 -0.84 23.79
N ILE B 229 -21.67 -0.90 24.47
CA ILE B 229 -20.68 0.17 24.36
C ILE B 229 -20.17 0.31 22.94
N ASN B 230 -20.30 -0.74 22.12
CA ASN B 230 -19.83 -0.67 20.74
C ASN B 230 -20.83 -0.04 19.79
N SER B 231 -22.00 0.36 20.29
CA SER B 231 -22.99 1.05 19.48
C SER B 231 -22.86 2.56 19.69
N PRO B 232 -22.36 3.32 18.72
CA PRO B 232 -22.30 4.79 18.90
C PRO B 232 -23.64 5.37 19.29
N LYS B 233 -24.75 4.81 18.77
CA LYS B 233 -26.06 5.36 19.08
C LYS B 233 -26.42 5.12 20.54
N GLN B 234 -26.18 3.92 21.05
CA GLN B 234 -26.49 3.67 22.45
C GLN B 234 -25.60 4.49 23.35
N LEU B 235 -24.33 4.65 22.97
CA LEU B 235 -23.40 5.42 23.77
C LEU B 235 -23.80 6.88 23.83
N GLY B 236 -24.22 7.45 22.70
CA GLY B 236 -24.68 8.82 22.70
C GLY B 236 -25.83 9.06 23.65
N VAL B 237 -26.76 8.10 23.75
CA VAL B 237 -27.87 8.27 24.67
C VAL B 237 -27.38 8.31 26.11
N ILE B 238 -26.45 7.41 26.45
CA ILE B 238 -25.91 7.41 27.81
C ILE B 238 -25.21 8.74 28.10
N LEU B 239 -24.33 9.16 27.19
CA LEU B 239 -23.48 10.32 27.46
C LEU B 239 -24.28 11.62 27.45
N PHE B 240 -25.08 11.82 26.40
CA PHE B 240 -25.64 13.14 26.16
C PHE B 240 -27.07 13.28 26.66
N GLU B 241 -27.80 12.19 26.82
CA GLU B 241 -29.12 12.27 27.44
C GLU B 241 -29.10 11.81 28.90
N LYS B 242 -28.55 10.63 29.17
CA LYS B 242 -28.59 10.13 30.56
C LYS B 242 -27.67 10.94 31.46
N LEU B 243 -26.43 11.17 31.04
CA LEU B 243 -25.44 11.89 31.85
C LEU B 243 -25.40 13.38 31.56
N GLN B 244 -26.14 13.86 30.56
CA GLN B 244 -26.23 15.29 30.23
C GLN B 244 -24.86 15.91 30.02
N LEU B 245 -23.96 15.19 29.36
CA LEU B 245 -22.72 15.82 28.95
C LEU B 245 -22.97 16.74 27.76
N PRO B 246 -22.17 17.80 27.62
CA PRO B 246 -22.36 18.73 26.50
C PRO B 246 -22.25 18.01 25.16
N VAL B 247 -23.02 18.51 24.19
CA VAL B 247 -22.91 18.06 22.81
C VAL B 247 -22.01 19.06 22.10
N LEU B 248 -20.74 18.69 21.90
CA LEU B 248 -19.76 19.55 21.27
C LEU B 248 -19.65 19.35 19.77
N LYS B 249 -20.11 18.21 19.25
CA LYS B 249 -19.99 17.89 17.85
C LYS B 249 -21.10 16.93 17.48
N LYS B 250 -21.76 17.18 16.35
CA LYS B 250 -22.86 16.35 15.89
C LYS B 250 -22.40 15.49 14.71
N THR B 251 -23.21 14.49 14.46
CA THR B 251 -23.08 13.67 13.30
C THR B 251 -24.33 13.89 12.46
N LYS B 252 -24.42 13.25 11.32
CA LYS B 252 -25.58 13.51 10.48
C LYS B 252 -26.85 12.86 11.04
N THR B 253 -26.61 11.82 11.78
CA THR B 253 -27.64 11.00 12.33
C THR B 253 -27.98 11.27 13.83
N GLY B 254 -27.00 11.73 14.60
CA GLY B 254 -27.14 11.99 16.02
C GLY B 254 -25.99 12.77 16.62
N TYR B 255 -25.45 12.30 17.75
CA TYR B 255 -24.29 12.92 18.39
C TYR B 255 -23.03 12.13 18.04
N SER B 256 -21.95 12.85 17.77
CA SER B 256 -20.69 12.17 17.52
C SER B 256 -20.08 11.73 18.85
N THR B 257 -19.52 10.53 18.85
CA THR B 257 -18.80 9.98 19.99
C THR B 257 -17.36 9.68 19.63
N SER B 258 -16.80 10.44 18.69
CA SER B 258 -15.43 10.21 18.24
C SER B 258 -14.45 10.46 19.38
N ALA B 259 -13.26 9.86 19.24
CA ALA B 259 -12.25 10.00 20.29
C ALA B 259 -11.91 11.47 20.52
N ASP B 260 -11.90 12.27 19.45
CA ASP B 260 -11.70 13.72 19.59
C ASP B 260 -12.72 14.33 20.52
N VAL B 261 -14.00 14.00 20.32
CA VAL B 261 -15.06 14.55 21.15
C VAL B 261 -14.94 14.02 22.58
N LEU B 262 -14.59 12.74 22.74
CA LEU B 262 -14.57 12.15 24.06
C LEU B 262 -13.47 12.77 24.94
N GLU B 263 -12.29 13.00 24.37
CA GLU B 263 -11.20 13.57 25.16
C GLU B 263 -11.60 14.95 25.69
N LYS B 264 -12.36 15.71 24.91
CA LYS B 264 -12.86 17.00 25.37
C LYS B 264 -13.86 16.82 26.52
N LEU B 265 -14.55 15.68 26.57
CA LEU B 265 -15.53 15.43 27.62
C LEU B 265 -14.92 14.81 28.87
N ALA B 266 -13.71 14.28 28.78
CA ALA B 266 -13.13 13.55 29.90
C ALA B 266 -13.19 14.29 31.23
N PRO B 267 -12.94 15.61 31.30
CA PRO B 267 -12.95 16.28 32.61
C PRO B 267 -14.30 16.26 33.29
N TYR B 268 -15.38 15.98 32.57
CA TYR B 268 -16.70 16.10 33.16
C TYR B 268 -17.19 14.82 33.82
N HIS B 269 -16.71 13.67 33.37
CA HIS B 269 -17.24 12.44 33.93
C HIS B 269 -16.21 11.34 33.77
N GLU B 270 -16.06 10.54 34.83
CA GLU B 270 -15.12 9.43 34.83
C GLU B 270 -15.45 8.36 33.79
N ILE B 271 -16.69 8.31 33.30
CA ILE B 271 -17.01 7.27 32.32
C ILE B 271 -16.22 7.49 31.03
N VAL B 272 -15.82 8.73 30.73
CA VAL B 272 -15.29 9.05 29.41
C VAL B 272 -13.93 8.37 29.20
N GLU B 273 -13.02 8.52 30.18
CA GLU B 273 -11.72 7.88 30.05
C GLU B 273 -11.89 6.37 29.91
N ASN B 274 -12.86 5.78 30.59
CA ASN B 274 -13.10 4.35 30.47
C ASN B 274 -13.62 3.98 29.08
N ILE B 275 -14.52 4.79 28.52
CA ILE B 275 -14.98 4.50 27.16
C ILE B 275 -13.82 4.58 26.18
N LEU B 276 -12.91 5.54 26.38
CA LEU B 276 -11.76 5.65 25.50
C LEU B 276 -10.88 4.40 25.60
N HIS B 277 -10.66 3.93 26.84
CA HIS B 277 -9.84 2.75 27.07
C HIS B 277 -10.50 1.51 26.46
N TYR B 278 -11.81 1.40 26.60
CA TYR B 278 -12.55 0.31 25.98
C TYR B 278 -12.40 0.35 24.46
N ARG B 279 -12.54 1.53 23.86
CA ARG B 279 -12.39 1.66 22.42
C ARG B 279 -11.01 1.21 21.96
N GLN B 280 -9.96 1.62 22.66
CA GLN B 280 -8.62 1.27 22.24
C GLN B 280 -8.37 -0.23 22.42
N LEU B 281 -8.74 -0.77 23.58
CA LEU B 281 -8.61 -2.21 23.77
C LEU B 281 -9.43 -2.96 22.74
N GLY B 282 -10.64 -2.48 22.47
CA GLY B 282 -11.54 -3.21 21.60
C GLY B 282 -11.09 -3.23 20.15
N LYS B 283 -10.48 -2.14 19.69
CA LYS B 283 -10.01 -2.18 18.31
C LYS B 283 -8.79 -3.09 18.19
N LEU B 284 -7.90 -3.08 19.19
CA LEU B 284 -6.80 -4.04 19.15
C LEU B 284 -7.34 -5.47 19.10
N GLN B 285 -8.34 -5.78 19.92
CA GLN B 285 -8.87 -7.14 20.01
C GLN B 285 -9.60 -7.55 18.74
N SER B 286 -10.59 -6.76 18.32
CA SER B 286 -11.44 -7.16 17.20
C SER B 286 -10.72 -7.01 15.86
N THR B 287 -10.01 -5.90 15.67
CA THR B 287 -9.41 -5.64 14.37
C THR B 287 -8.08 -6.36 14.22
N TYR B 288 -7.16 -6.18 15.17
CA TYR B 288 -5.78 -6.61 14.93
C TYR B 288 -5.47 -8.00 15.49
N ILE B 289 -6.07 -8.42 16.60
CA ILE B 289 -5.86 -9.79 17.07
C ILE B 289 -6.76 -10.75 16.29
N GLU B 290 -8.08 -10.58 16.44
CA GLU B 290 -9.02 -11.48 15.78
C GLU B 290 -8.96 -11.33 14.27
N GLY B 291 -8.78 -10.11 13.77
CA GLY B 291 -8.64 -9.92 12.34
C GLY B 291 -7.45 -10.64 11.76
N LEU B 292 -6.34 -10.67 12.50
CA LEU B 292 -5.14 -11.36 12.01
C LEU B 292 -5.33 -12.87 12.04
N LEU B 293 -5.84 -13.39 13.16
CA LEU B 293 -6.06 -14.83 13.27
C LEU B 293 -6.98 -15.36 12.18
N LYS B 294 -7.91 -14.52 11.72
CA LYS B 294 -8.87 -14.92 10.71
C LYS B 294 -8.22 -15.20 9.36
N VAL B 295 -7.08 -14.56 9.07
CA VAL B 295 -6.45 -14.68 7.76
C VAL B 295 -5.13 -15.45 7.84
N VAL B 296 -4.85 -16.10 8.96
CA VAL B 296 -3.73 -17.03 9.00
C VAL B 296 -4.15 -18.33 8.35
N ARG B 297 -3.40 -18.76 7.35
CA ARG B 297 -3.72 -20.02 6.69
C ARG B 297 -3.34 -21.19 7.59
N PRO B 298 -4.29 -22.05 7.96
CA PRO B 298 -3.95 -23.16 8.86
C PRO B 298 -2.95 -24.13 8.26
N ASP B 299 -2.85 -24.20 6.92
CA ASP B 299 -1.93 -25.14 6.31
C ASP B 299 -0.49 -24.64 6.32
N THR B 300 -0.28 -23.33 6.24
CA THR B 300 1.09 -22.81 6.27
C THR B 300 1.44 -22.18 7.61
N LYS B 301 0.47 -21.94 8.48
CA LYS B 301 0.64 -21.08 9.65
C LYS B 301 1.21 -19.72 9.27
N LYS B 302 0.91 -19.25 8.07
CA LYS B 302 1.40 -17.97 7.60
C LYS B 302 0.24 -17.11 7.14
N VAL B 303 0.47 -15.80 7.11
CA VAL B 303 -0.38 -14.88 6.36
C VAL B 303 0.23 -14.73 4.97
N HIS B 304 -0.64 -14.69 3.96
CA HIS B 304 -0.24 -14.54 2.56
C HIS B 304 -1.02 -13.34 2.05
N THR B 305 -0.44 -12.16 2.24
CA THR B 305 -1.11 -10.93 1.86
C THR B 305 -1.27 -10.87 0.33
N ILE B 306 -2.14 -9.96 -0.11
CA ILE B 306 -2.24 -9.63 -1.53
C ILE B 306 -1.92 -8.16 -1.68
N PHE B 307 -0.84 -7.86 -2.37
CA PHE B 307 -0.50 -6.46 -2.64
C PHE B 307 -1.35 -5.98 -3.79
N ASN B 308 -1.85 -4.75 -3.65
CA ASN B 308 -2.54 -4.11 -4.76
C ASN B 308 -1.57 -3.09 -5.32
N GLN B 309 -0.96 -3.45 -6.44
CA GLN B 309 0.05 -2.64 -7.08
C GLN B 309 -0.55 -1.54 -7.95
N ALA B 310 -1.86 -1.53 -8.15
CA ALA B 310 -2.50 -0.64 -9.13
C ALA B 310 -3.68 0.08 -8.51
N LEU B 311 -3.51 0.62 -7.30
CA LEU B 311 -4.62 1.26 -6.60
C LEU B 311 -4.35 2.73 -6.25
N THR B 312 -3.28 3.03 -5.53
CA THR B 312 -3.10 4.39 -5.03
C THR B 312 -2.74 5.35 -6.16
N GLN B 313 -3.04 6.63 -5.95
CA GLN B 313 -2.69 7.64 -6.95
C GLN B 313 -1.32 8.24 -6.71
N THR B 314 -0.62 7.80 -5.66
CA THR B 314 0.76 8.18 -5.43
C THR B 314 1.75 7.17 -6.01
N GLY B 315 1.33 5.94 -6.25
CA GLY B 315 2.25 4.89 -6.61
C GLY B 315 2.70 4.02 -5.45
N ARG B 316 2.27 4.33 -4.22
CA ARG B 316 2.50 3.46 -3.09
C ARG B 316 1.75 2.14 -3.25
N LEU B 317 2.33 1.08 -2.69
CA LEU B 317 1.60 -0.18 -2.66
C LEU B 317 0.50 -0.12 -1.62
N SER B 318 -0.49 -0.99 -1.79
CA SER B 318 -1.49 -1.25 -0.78
C SER B 318 -1.55 -2.76 -0.62
N SER B 319 -2.24 -3.22 0.41
CA SER B 319 -2.33 -4.67 0.60
C SER B 319 -3.59 -5.00 1.39
N THR B 320 -3.98 -6.28 1.34
CA THR B 320 -5.16 -6.74 2.06
C THR B 320 -4.99 -8.17 2.52
N GLU B 321 -5.76 -8.52 3.56
CA GLU B 321 -5.93 -9.89 4.02
C GLU B 321 -4.62 -10.63 4.28
N PRO B 322 -3.76 -10.11 5.16
CA PRO B 322 -3.97 -8.90 5.96
C PRO B 322 -3.39 -7.66 5.34
N ASN B 323 -3.82 -6.49 5.82
CA ASN B 323 -3.15 -5.24 5.49
C ASN B 323 -2.21 -4.94 6.65
N LEU B 324 -0.95 -5.35 6.50
CA LEU B 324 -0.01 -5.20 7.61
C LEU B 324 0.49 -3.77 7.78
N GLN B 325 0.26 -2.90 6.81
CA GLN B 325 0.60 -1.50 6.97
C GLN B 325 -0.33 -0.78 7.93
N ASN B 326 -1.54 -1.29 8.11
CA ASN B 326 -2.50 -0.64 8.99
C ASN B 326 -2.33 -1.03 10.44
N ILE B 327 -1.42 -1.94 10.77
CA ILE B 327 -1.13 -2.19 12.20
C ILE B 327 -0.56 -0.91 12.80
N PRO B 328 -1.06 -0.44 13.94
CA PRO B 328 -0.60 0.85 14.45
C PRO B 328 0.90 0.83 14.75
N ILE B 329 1.52 2.01 14.56
CA ILE B 329 2.97 2.14 14.74
C ILE B 329 3.34 2.63 16.13
N ARG B 330 2.37 3.11 16.86
CA ARG B 330 2.65 3.55 18.18
C ARG B 330 2.75 2.38 19.14
N LEU B 331 3.90 2.25 19.78
CA LEU B 331 4.18 1.14 20.68
C LEU B 331 2.99 0.75 21.56
N GLU B 332 2.66 1.63 22.49
CA GLU B 332 1.54 1.39 23.46
C GLU B 332 1.45 -0.13 23.60
N GLU B 333 0.54 -0.65 22.79
CA GLU B 333 0.26 -2.06 22.65
C GLU B 333 -0.06 -2.30 21.18
N GLY B 334 -0.06 -1.25 20.35
CA GLY B 334 -0.36 -1.50 18.96
C GLY B 334 0.76 -2.15 18.21
N ARG B 335 1.94 -1.56 18.33
CA ARG B 335 3.10 -2.05 17.66
C ARG B 335 3.55 -3.43 18.12
N LYS B 336 3.29 -3.76 19.36
CA LYS B 336 3.62 -5.03 19.89
C LYS B 336 2.98 -6.16 19.12
N ILE B 337 1.95 -5.88 18.40
CA ILE B 337 1.35 -6.90 17.56
C ILE B 337 2.37 -7.50 16.60
N ARG B 338 3.42 -6.72 16.27
CA ARG B 338 4.48 -7.22 15.40
C ARG B 338 5.24 -8.38 16.01
N GLN B 339 5.09 -8.61 17.31
CA GLN B 339 5.70 -9.77 17.95
C GLN B 339 5.15 -11.08 17.39
N ALA B 340 3.97 -11.05 16.77
CA ALA B 340 3.37 -12.27 16.25
C ALA B 340 3.95 -12.69 14.91
N PHE B 341 4.83 -11.89 14.32
CA PHE B 341 5.38 -12.17 13.00
C PHE B 341 6.80 -12.67 13.16
N VAL B 342 7.02 -13.92 12.81
CA VAL B 342 8.24 -14.62 13.21
C VAL B 342 8.88 -15.24 11.98
N PRO B 343 10.12 -15.68 12.07
CA PRO B 343 10.73 -16.36 10.93
C PRO B 343 10.05 -17.69 10.63
N SER B 344 10.09 -18.07 9.36
CA SER B 344 9.37 -19.26 8.92
C SER B 344 10.14 -20.55 9.13
N GLU B 345 11.43 -20.48 9.47
CA GLU B 345 12.23 -21.67 9.65
C GLU B 345 13.06 -21.50 10.91
N SER B 346 13.38 -22.63 11.54
CA SER B 346 14.17 -22.57 12.76
C SER B 346 15.55 -22.02 12.45
N ASP B 347 16.09 -21.24 13.38
CA ASP B 347 17.43 -20.68 13.23
C ASP B 347 17.48 -19.61 12.15
N TRP B 348 16.34 -19.09 11.74
CA TRP B 348 16.25 -17.90 10.92
C TRP B 348 15.82 -16.72 11.79
N LEU B 349 16.06 -15.51 11.29
CA LEU B 349 15.72 -14.27 11.98
C LEU B 349 15.03 -13.30 11.02
N ILE B 350 14.33 -12.32 11.59
CA ILE B 350 13.73 -11.24 10.81
C ILE B 350 14.73 -10.11 10.68
N PHE B 351 14.89 -9.58 9.46
CA PHE B 351 15.75 -8.43 9.21
C PHE B 351 14.88 -7.32 8.67
N ALA B 352 14.91 -6.16 9.31
CA ALA B 352 14.04 -5.06 8.90
C ALA B 352 14.87 -3.80 8.69
N ALA B 353 14.67 -3.15 7.54
CA ALA B 353 15.37 -1.90 7.24
C ALA B 353 14.34 -0.87 6.83
N ASP B 354 14.51 0.36 7.28
CA ASP B 354 13.54 1.40 6.94
C ASP B 354 14.27 2.66 6.54
N TYR B 355 13.72 3.37 5.54
CA TYR B 355 14.28 4.67 5.19
C TYR B 355 13.94 5.69 6.28
N SER B 356 14.93 6.49 6.66
CA SER B 356 14.72 7.54 7.64
C SER B 356 14.38 8.84 6.92
N GLN B 357 13.16 9.32 7.12
CA GLN B 357 12.69 10.61 6.57
C GLN B 357 12.87 10.68 5.06
N ILE B 358 12.52 9.61 4.35
CA ILE B 358 12.74 9.62 2.91
C ILE B 358 11.91 10.71 2.25
N GLU B 359 10.69 10.96 2.75
CA GLU B 359 9.82 11.96 2.12
C GLU B 359 10.42 13.36 2.22
N LEU B 360 10.92 13.74 3.41
CA LEU B 360 11.51 15.06 3.53
C LEU B 360 12.84 15.15 2.77
N ARG B 361 13.59 14.04 2.68
CA ARG B 361 14.79 14.06 1.86
C ARG B 361 14.45 14.24 0.39
N VAL B 362 13.42 13.54 -0.09
CA VAL B 362 12.93 13.75 -1.47
C VAL B 362 12.52 15.21 -1.65
N LEU B 363 11.82 15.79 -0.69
CA LEU B 363 11.45 17.21 -0.81
C LEU B 363 12.70 18.10 -0.92
N ALA B 364 13.69 17.87 -0.05
CA ALA B 364 14.91 18.68 -0.13
C ALA B 364 15.50 18.61 -1.53
N HIS B 365 15.52 17.41 -2.11
CA HIS B 365 16.06 17.19 -3.45
C HIS B 365 15.24 17.93 -4.52
N ILE B 366 13.93 17.71 -4.55
CA ILE B 366 13.11 18.28 -5.61
C ILE B 366 13.03 19.80 -5.50
N ALA B 367 12.96 20.32 -4.28
CA ALA B 367 12.84 21.76 -4.07
C ALA B 367 14.18 22.47 -4.12
N GLU B 368 15.28 21.72 -4.02
CA GLU B 368 16.60 22.30 -3.88
C GLU B 368 16.59 23.40 -2.85
N ASP B 369 16.02 23.09 -1.69
CA ASP B 369 15.98 24.04 -0.60
C ASP B 369 17.33 23.96 0.13
N ASP B 370 18.07 25.07 0.12
CA ASP B 370 19.43 25.07 0.66
C ASP B 370 19.44 24.68 2.13
N ASN B 371 18.54 25.25 2.92
CA ASN B 371 18.49 24.97 4.36
C ASN B 371 18.14 23.51 4.59
N LEU B 372 17.13 23.00 3.89
CA LEU B 372 16.72 21.62 4.13
C LEU B 372 17.78 20.64 3.64
N MET B 373 18.42 20.93 2.50
CA MET B 373 19.49 20.06 2.01
C MET B 373 20.66 20.03 2.98
N GLU B 374 21.08 21.19 3.48
CA GLU B 374 22.19 21.22 4.43
C GLU B 374 21.83 20.49 5.72
N ALA B 375 20.58 20.57 6.15
CA ALA B 375 20.18 19.87 7.37
C ALA B 375 20.35 18.36 7.21
N PHE B 376 19.95 17.82 6.05
CA PHE B 376 20.14 16.40 5.82
C PHE B 376 21.60 16.07 5.53
N ARG B 377 22.33 16.99 4.91
CA ARG B 377 23.76 16.71 4.71
C ARG B 377 24.51 16.65 6.04
N ARG B 378 24.04 17.36 7.05
CA ARG B 378 24.60 17.31 8.40
C ARG B 378 24.00 16.18 9.23
N ASP B 379 23.09 15.39 8.65
CA ASP B 379 22.30 14.37 9.34
C ASP B 379 21.75 14.88 10.68
N LEU B 380 21.14 16.06 10.64
CA LEU B 380 20.53 16.65 11.83
C LEU B 380 19.21 15.96 12.16
N ASP B 381 18.77 16.12 13.40
CA ASP B 381 17.41 15.77 13.76
C ASP B 381 16.49 16.80 13.12
N ILE B 382 15.73 16.39 12.11
CA ILE B 382 15.07 17.39 11.28
C ILE B 382 13.98 18.13 12.06
N HIS B 383 13.31 17.46 13.00
CA HIS B 383 12.26 18.16 13.73
C HIS B 383 12.85 19.16 14.72
N THR B 384 13.96 18.80 15.37
CA THR B 384 14.63 19.77 16.23
C THR B 384 15.17 20.93 15.40
N LYS B 385 15.75 20.66 14.23
CA LYS B 385 16.28 21.74 13.41
C LYS B 385 15.15 22.64 12.93
N THR B 386 14.04 22.04 12.50
CA THR B 386 12.90 22.84 12.07
C THR B 386 12.39 23.73 13.19
N ALA B 387 12.35 23.22 14.43
CA ALA B 387 11.93 24.06 15.55
C ALA B 387 12.93 25.20 15.80
N MET B 388 14.22 24.90 15.73
CA MET B 388 15.24 25.93 15.91
C MET B 388 15.03 27.08 14.93
N ASP B 389 14.76 26.74 13.66
CA ASP B 389 14.57 27.76 12.63
C ASP B 389 13.27 28.53 12.83
N ILE B 390 12.17 27.82 13.04
CA ILE B 390 10.88 28.50 13.18
C ILE B 390 10.89 29.44 14.38
N PHE B 391 11.37 28.94 15.52
CA PHE B 391 11.36 29.72 16.75
C PHE B 391 12.59 30.61 16.92
N GLN B 392 13.59 30.48 16.04
CA GLN B 392 14.80 31.29 16.14
C GLN B 392 15.46 31.12 17.51
N VAL B 393 15.71 29.87 17.88
CA VAL B 393 16.31 29.52 19.16
C VAL B 393 17.43 28.52 18.92
N SER B 394 18.36 28.49 19.86
CA SER B 394 19.43 27.50 19.80
C SER B 394 18.88 26.12 20.14
N GLU B 395 19.69 25.09 19.84
CA GLU B 395 19.23 23.72 20.05
C GLU B 395 18.85 23.46 21.50
N ASP B 396 19.64 23.97 22.45
CA ASP B 396 19.35 23.74 23.86
C ASP B 396 18.14 24.53 24.34
N GLU B 397 17.63 25.45 23.54
CA GLU B 397 16.42 26.20 23.88
C GLU B 397 15.16 25.59 23.25
N VAL B 398 15.29 24.50 22.51
CA VAL B 398 14.12 23.87 21.90
C VAL B 398 13.43 23.06 22.99
N THR B 399 12.20 23.43 23.31
CA THR B 399 11.43 22.70 24.30
C THR B 399 10.72 21.53 23.65
N PRO B 400 10.28 20.55 24.44
CA PRO B 400 9.55 19.42 23.84
C PRO B 400 8.34 19.86 23.04
N ASN B 401 7.59 20.86 23.52
CA ASN B 401 6.41 21.28 22.76
C ASN B 401 6.80 22.02 21.49
N MET B 402 7.90 22.78 21.52
CA MET B 402 8.38 23.37 20.27
C MET B 402 8.70 22.30 19.24
N ARG B 403 9.42 21.26 19.65
CA ARG B 403 9.75 20.20 18.72
C ARG B 403 8.48 19.51 18.22
N ARG B 404 7.50 19.31 19.11
CA ARG B 404 6.25 18.67 18.70
C ARG B 404 5.54 19.48 17.63
N GLN B 405 5.53 20.80 17.78
CA GLN B 405 4.87 21.62 16.76
C GLN B 405 5.64 21.60 15.44
N ALA B 406 6.98 21.62 15.50
CA ALA B 406 7.76 21.55 14.28
C ALA B 406 7.53 20.22 13.58
N LYS B 407 7.45 19.14 14.36
CA LYS B 407 7.20 17.82 13.79
C LYS B 407 5.85 17.76 13.11
N ALA B 408 4.85 18.43 13.69
CA ALA B 408 3.53 18.44 13.07
C ALA B 408 3.53 19.20 11.76
N VAL B 409 4.31 20.28 11.66
CA VAL B 409 4.44 20.95 10.38
C VAL B 409 5.08 20.01 9.37
N ASN B 410 6.13 19.31 9.79
CA ASN B 410 6.79 18.37 8.88
C ASN B 410 5.87 17.21 8.50
N PHE B 411 5.14 16.67 9.48
CA PHE B 411 4.11 15.67 9.19
C PHE B 411 3.12 16.20 8.16
N GLY B 412 2.65 17.44 8.35
CA GLY B 412 1.72 18.02 7.41
C GLY B 412 2.26 18.00 5.99
N ILE B 413 3.55 18.27 5.83
CA ILE B 413 4.17 18.23 4.50
C ILE B 413 4.21 16.81 3.98
N VAL B 414 4.64 15.85 4.81
CA VAL B 414 4.80 14.48 4.34
C VAL B 414 3.46 13.90 3.89
N TYR B 415 2.37 14.25 4.56
CA TYR B 415 1.09 13.63 4.25
C TYR B 415 0.10 14.54 3.55
N GLY B 416 0.44 15.81 3.32
CA GLY B 416 -0.46 16.66 2.55
C GLY B 416 -1.74 17.09 3.26
N ILE B 417 -1.66 17.43 4.58
CA ILE B 417 -2.78 17.93 5.38
C ILE B 417 -2.89 19.45 5.27
N SER B 418 -4.07 20.03 5.29
CA SER B 418 -4.23 21.48 5.18
C SER B 418 -3.87 22.23 6.40
N ASP B 419 -3.91 23.55 6.28
CA ASP B 419 -3.72 24.38 7.48
C ASP B 419 -4.85 24.15 8.48
N TYR B 420 -6.05 23.83 8.00
CA TYR B 420 -7.10 23.39 8.91
C TYR B 420 -6.70 22.08 9.60
N GLY B 421 -6.08 21.18 8.85
CA GLY B 421 -5.62 19.93 9.45
C GLY B 421 -4.45 20.16 10.40
N LEU B 422 -3.55 21.09 10.06
CA LEU B 422 -2.48 21.43 10.98
C LEU B 422 -3.06 22.03 12.26
N ALA B 423 -3.98 22.99 12.10
CA ALA B 423 -4.67 23.55 13.26
C ALA B 423 -5.36 22.45 14.07
N GLN B 424 -6.03 21.53 13.38
CA GLN B 424 -6.69 20.42 14.06
C GLN B 424 -5.68 19.58 14.83
N ASN B 425 -4.55 19.26 14.19
CA ASN B 425 -3.57 18.37 14.81
C ASN B 425 -2.90 19.02 16.00
N LEU B 426 -2.66 20.33 15.92
CA LEU B 426 -1.99 21.05 16.99
C LEU B 426 -2.95 21.67 17.98
N ASN B 427 -4.26 21.53 17.76
CA ASN B 427 -5.28 22.10 18.62
C ASN B 427 -5.07 23.60 18.79
N ILE B 428 -4.90 24.28 17.66
CA ILE B 428 -4.75 25.72 17.61
C ILE B 428 -5.72 26.27 16.57
N SER B 429 -5.78 27.60 16.50
CA SER B 429 -6.64 28.25 15.53
C SER B 429 -6.07 28.11 14.12
N ARG B 430 -6.93 28.31 13.12
CA ARG B 430 -6.46 28.26 11.75
C ARG B 430 -5.52 29.42 11.45
N LYS B 431 -5.81 30.60 12.00
CA LYS B 431 -4.90 31.73 11.86
C LYS B 431 -3.54 31.44 12.45
N GLU B 432 -3.51 30.83 13.65
CA GLU B 432 -2.23 30.48 14.24
C GLU B 432 -1.53 29.40 13.41
N ALA B 433 -2.28 28.44 12.87
CA ALA B 433 -1.68 27.44 12.01
C ALA B 433 -1.08 28.09 10.76
N ALA B 434 -1.83 29.02 10.16
CA ALA B 434 -1.33 29.71 8.98
C ALA B 434 -0.05 30.48 9.29
N GLU B 435 -0.01 31.14 10.45
CA GLU B 435 1.19 31.87 10.84
C GLU B 435 2.37 30.92 11.04
N PHE B 436 2.11 29.74 11.52
CA PHE B 436 3.17 28.79 11.69
C PHE B 436 3.75 28.44 10.34
N ILE B 437 2.90 28.22 9.38
CA ILE B 437 3.36 27.80 8.05
C ILE B 437 4.16 28.90 7.39
N GLU B 438 3.77 30.17 7.59
CA GLU B 438 4.55 31.26 7.01
C GLU B 438 5.94 31.35 7.64
N ARG B 439 6.05 31.05 8.92
CA ARG B 439 7.34 31.07 9.57
C ARG B 439 8.18 29.91 9.01
N TYR B 440 7.56 28.77 8.83
CA TYR B 440 8.27 27.68 8.19
C TYR B 440 8.84 28.11 6.83
N PHE B 441 7.99 28.71 5.99
CA PHE B 441 8.44 29.09 4.66
C PHE B 441 9.51 30.16 4.70
N GLU B 442 9.54 30.99 5.74
CA GLU B 442 10.64 31.94 5.87
C GLU B 442 11.96 31.21 6.06
N SER B 443 11.95 30.10 6.80
CA SER B 443 13.17 29.33 7.00
C SER B 443 13.48 28.40 5.85
N PHE B 444 12.47 28.00 5.07
CA PHE B 444 12.64 27.06 3.97
C PHE B 444 12.01 27.67 2.71
N PRO B 445 12.60 28.76 2.20
CA PRO B 445 11.99 29.44 1.05
C PRO B 445 12.00 28.61 -0.23
N GLY B 446 12.92 27.65 -0.34
CA GLY B 446 12.90 26.76 -1.50
C GLY B 446 11.72 25.82 -1.48
N VAL B 447 11.33 25.34 -0.28
CA VAL B 447 10.12 24.54 -0.16
C VAL B 447 8.92 25.37 -0.61
N LYS B 448 8.85 26.63 -0.18
CA LYS B 448 7.72 27.47 -0.59
C LYS B 448 7.68 27.63 -2.10
N ARG B 449 8.84 27.90 -2.72
CA ARG B 449 8.87 28.04 -4.17
C ARG B 449 8.41 26.76 -4.85
N TYR B 450 8.87 25.61 -4.35
CA TYR B 450 8.41 24.34 -4.91
C TYR B 450 6.89 24.24 -4.84
N MET B 451 6.32 24.55 -3.68
CA MET B 451 4.87 24.41 -3.51
C MET B 451 4.12 25.31 -4.48
N GLU B 452 4.61 26.54 -4.66
CA GLU B 452 4.00 27.45 -5.63
C GLU B 452 4.18 26.92 -7.04
N ASN B 453 5.39 26.49 -7.37
CA ASN B 453 5.72 26.09 -8.74
C ASN B 453 4.98 24.82 -9.14
N ILE B 454 4.81 23.87 -8.20
CA ILE B 454 4.21 22.60 -8.56
C ILE B 454 2.70 22.78 -8.76
N VAL B 455 2.07 23.68 -8.02
CA VAL B 455 0.66 23.99 -8.27
C VAL B 455 0.50 24.64 -9.63
N GLN B 456 1.40 25.55 -9.99
CA GLN B 456 1.34 26.19 -11.29
C GLN B 456 1.54 25.17 -12.42
N GLU B 457 2.53 24.28 -12.25
CA GLU B 457 2.77 23.23 -13.23
C GLU B 457 1.53 22.35 -13.40
N ALA B 458 0.88 21.99 -12.29
CA ALA B 458 -0.32 21.18 -12.37
C ALA B 458 -1.41 21.91 -13.16
N LYS B 459 -1.53 23.22 -12.94
CA LYS B 459 -2.54 23.98 -13.67
C LYS B 459 -2.22 24.02 -15.15
N GLN B 460 -0.95 24.17 -15.49
CA GLN B 460 -0.54 24.33 -16.87
C GLN B 460 -0.63 23.02 -17.64
N LYS B 461 -0.02 21.95 -17.09
CA LYS B 461 0.07 20.67 -17.78
C LYS B 461 -1.13 19.78 -17.54
N GLY B 462 -1.81 19.95 -16.40
CA GLY B 462 -2.93 19.10 -16.04
C GLY B 462 -2.58 17.94 -15.14
N TYR B 463 -1.31 17.78 -14.78
CA TYR B 463 -0.84 16.65 -13.99
C TYR B 463 0.50 17.02 -13.37
N VAL B 464 0.90 16.23 -12.38
CA VAL B 464 2.23 16.31 -11.79
C VAL B 464 2.87 14.94 -11.93
N THR B 465 4.19 14.89 -11.71
CA THR B 465 4.96 13.69 -11.97
C THR B 465 5.88 13.40 -10.79
N THR B 466 6.38 12.17 -10.74
CA THR B 466 7.35 11.75 -9.74
C THR B 466 8.73 11.59 -10.39
N LEU B 467 9.74 11.28 -9.55
CA LEU B 467 11.10 11.15 -10.03
C LEU B 467 11.23 10.16 -11.19
N LEU B 468 10.52 9.03 -11.12
CA LEU B 468 10.61 8.00 -12.14
C LEU B 468 9.45 8.06 -13.13
N HIS B 469 8.77 9.22 -13.22
CA HIS B 469 7.83 9.59 -14.28
C HIS B 469 6.43 9.04 -14.09
N ARG B 470 6.04 8.67 -12.87
CA ARG B 470 4.64 8.42 -12.56
C ARG B 470 3.89 9.73 -12.72
N ARG B 471 2.61 9.63 -13.12
CA ARG B 471 1.74 10.78 -13.37
C ARG B 471 0.52 10.74 -12.47
N ARG B 472 0.04 11.92 -12.09
CA ARG B 472 -1.26 12.03 -11.45
C ARG B 472 -1.97 13.23 -12.05
N TYR B 473 -3.10 12.98 -12.72
CA TYR B 473 -3.86 14.09 -13.29
C TYR B 473 -4.68 14.78 -12.22
N LEU B 474 -4.79 16.10 -12.31
CA LEU B 474 -5.47 16.90 -11.28
C LEU B 474 -6.49 17.82 -11.95
N PRO B 475 -7.55 17.25 -12.51
CA PRO B 475 -8.55 18.09 -13.18
C PRO B 475 -9.25 19.08 -12.26
N ASP B 476 -9.19 18.89 -10.94
CA ASP B 476 -9.85 19.77 -9.98
C ASP B 476 -9.00 20.96 -9.53
N ILE B 477 -7.79 21.13 -10.08
CA ILE B 477 -6.86 22.11 -9.55
C ILE B 477 -7.35 23.55 -9.70
N THR B 478 -8.29 23.80 -10.61
CA THR B 478 -8.87 25.14 -10.75
C THR B 478 -10.37 25.14 -10.47
N SER B 479 -10.87 24.13 -9.76
CA SER B 479 -12.26 24.12 -9.34
C SER B 479 -12.63 25.44 -8.67
N ARG B 480 -13.85 25.89 -8.90
CA ARG B 480 -14.34 27.06 -8.19
C ARG B 480 -14.84 26.70 -6.80
N ASN B 481 -14.86 25.41 -6.46
CA ASN B 481 -15.19 24.97 -5.12
C ASN B 481 -13.91 24.96 -4.29
N PHE B 482 -13.89 25.75 -3.22
CA PHE B 482 -12.65 25.95 -2.46
C PHE B 482 -12.12 24.66 -1.88
N ASN B 483 -12.99 23.83 -1.29
CA ASN B 483 -12.53 22.57 -0.70
C ASN B 483 -11.98 21.63 -1.76
N VAL B 484 -12.65 21.53 -2.90
CA VAL B 484 -12.18 20.64 -3.96
C VAL B 484 -10.85 21.14 -4.52
N ARG B 485 -10.76 22.44 -4.80
CA ARG B 485 -9.53 23.00 -5.32
C ARG B 485 -8.39 22.82 -4.34
N SER B 486 -8.62 23.16 -3.07
CA SER B 486 -7.59 23.02 -2.05
C SER B 486 -7.07 21.60 -1.97
N PHE B 487 -7.95 20.60 -2.02
CA PHE B 487 -7.47 19.22 -2.00
C PHE B 487 -6.58 18.94 -3.21
N ALA B 488 -7.01 19.38 -4.39
CA ALA B 488 -6.21 19.18 -5.60
C ALA B 488 -4.84 19.83 -5.47
N GLU B 489 -4.79 21.04 -4.90
CA GLU B 489 -3.51 21.71 -4.70
C GLU B 489 -2.62 20.90 -3.76
N ARG B 490 -3.19 20.39 -2.67
CA ARG B 490 -2.38 19.58 -1.76
C ARG B 490 -1.87 18.32 -2.46
N MET B 491 -2.68 17.71 -3.33
CA MET B 491 -2.19 16.54 -4.04
C MET B 491 -1.12 16.90 -5.06
N ALA B 492 -1.22 18.09 -5.68
CA ALA B 492 -0.13 18.53 -6.55
C ALA B 492 1.16 18.65 -5.77
N MET B 493 1.08 19.21 -4.55
CA MET B 493 2.28 19.37 -3.73
C MET B 493 2.81 18.03 -3.25
N ASN B 494 1.90 17.14 -2.85
CA ASN B 494 2.29 15.94 -2.11
C ASN B 494 2.65 14.76 -2.99
N THR B 495 2.02 14.61 -4.15
CA THR B 495 2.28 13.41 -4.94
C THR B 495 3.73 13.32 -5.43
N PRO B 496 4.38 14.40 -5.87
CA PRO B 496 5.80 14.26 -6.24
C PRO B 496 6.66 13.87 -5.06
N ILE B 497 6.23 14.15 -3.84
CA ILE B 497 6.99 13.76 -2.65
C ILE B 497 6.75 12.30 -2.32
N GLN B 498 5.48 11.96 -2.02
CA GLN B 498 5.13 10.60 -1.63
C GLN B 498 5.36 9.62 -2.76
N GLY B 499 5.01 10.01 -4.00
CA GLY B 499 5.17 9.14 -5.14
C GLY B 499 6.63 8.90 -5.49
N SER B 500 7.48 9.92 -5.30
CA SER B 500 8.91 9.68 -5.55
C SER B 500 9.49 8.77 -4.49
N ALA B 501 9.05 8.91 -3.25
CA ALA B 501 9.47 7.96 -2.22
C ALA B 501 9.03 6.55 -2.59
N ALA B 502 7.79 6.41 -3.08
CA ALA B 502 7.32 5.10 -3.53
C ALA B 502 8.18 4.55 -4.65
N ASP B 503 8.51 5.39 -5.64
CA ASP B 503 9.39 4.98 -6.73
C ASP B 503 10.72 4.43 -6.20
N ILE B 504 11.32 5.15 -5.25
CA ILE B 504 12.64 4.77 -4.73
C ILE B 504 12.55 3.43 -4.02
N ILE B 505 11.53 3.28 -3.16
CA ILE B 505 11.32 2.00 -2.47
C ILE B 505 11.14 0.86 -3.46
N LYS B 506 10.34 1.06 -4.50
CA LYS B 506 10.17 0.00 -5.48
C LYS B 506 11.49 -0.35 -6.17
N LYS B 507 12.28 0.67 -6.52
CA LYS B 507 13.55 0.39 -7.15
C LYS B 507 14.48 -0.34 -6.20
N ALA B 508 14.47 0.05 -4.93
CA ALA B 508 15.29 -0.64 -3.93
C ALA B 508 14.91 -2.11 -3.83
N MET B 509 13.60 -2.42 -3.90
CA MET B 509 13.18 -3.82 -3.84
C MET B 509 13.74 -4.60 -5.02
N ILE B 510 13.67 -4.04 -6.22
CA ILE B 510 14.20 -4.70 -7.40
C ILE B 510 15.71 -4.91 -7.26
N ASP B 511 16.42 -3.86 -6.83
CA ASP B 511 17.86 -3.94 -6.69
C ASP B 511 18.24 -4.95 -5.61
N LEU B 512 17.49 -4.95 -4.51
CA LEU B 512 17.74 -5.86 -3.40
C LEU B 512 17.59 -7.30 -3.86
N ASN B 513 16.44 -7.60 -4.46
CA ASN B 513 16.18 -8.95 -4.95
C ASN B 513 17.31 -9.44 -5.85
N ALA B 514 17.77 -8.58 -6.76
CA ALA B 514 18.85 -8.96 -7.66
C ALA B 514 20.15 -9.21 -6.90
N ARG B 515 20.47 -8.34 -5.97
CA ARG B 515 21.67 -8.50 -5.18
C ARG B 515 21.65 -9.78 -4.33
N LEU B 516 20.53 -10.05 -3.71
CA LEU B 516 20.45 -11.29 -2.93
C LEU B 516 20.72 -12.52 -3.80
N LYS B 517 20.17 -12.54 -5.01
CA LYS B 517 20.43 -13.66 -5.93
C LYS B 517 21.91 -13.70 -6.31
N GLU B 518 22.48 -12.55 -6.65
CA GLU B 518 23.88 -12.48 -7.08
C GLU B 518 24.82 -12.94 -5.97
N GLU B 519 24.49 -12.64 -4.71
CA GLU B 519 25.27 -13.07 -3.56
C GLU B 519 24.94 -14.48 -3.12
N ARG B 520 23.95 -15.13 -3.75
CA ARG B 520 23.54 -16.49 -3.41
C ARG B 520 23.16 -16.63 -1.93
N LEU B 521 22.44 -15.63 -1.42
CA LEU B 521 21.91 -15.68 -0.08
C LEU B 521 20.54 -16.33 -0.07
N GLN B 522 20.24 -17.01 1.03
CA GLN B 522 18.90 -17.56 1.20
C GLN B 522 17.90 -16.51 1.63
N ALA B 523 18.37 -15.38 2.15
CA ALA B 523 17.50 -14.29 2.58
C ALA B 523 16.42 -13.99 1.55
N ARG B 524 15.21 -13.71 2.02
CA ARG B 524 14.14 -13.37 1.10
C ARG B 524 13.33 -12.21 1.63
N LEU B 525 12.87 -11.38 0.70
CA LEU B 525 11.92 -10.33 1.01
C LEU B 525 10.59 -10.94 1.40
N LEU B 526 9.97 -10.40 2.45
CA LEU B 526 8.66 -10.83 2.89
C LEU B 526 7.61 -9.73 2.75
N LEU B 527 7.93 -8.51 3.17
CA LEU B 527 6.93 -7.45 3.23
C LEU B 527 7.56 -6.10 2.90
N GLN B 528 6.72 -5.21 2.37
CA GLN B 528 7.06 -3.79 2.29
C GLN B 528 5.84 -3.04 2.81
N VAL B 529 6.03 -2.27 3.88
CA VAL B 529 4.98 -1.44 4.43
C VAL B 529 5.63 -0.14 4.88
N HIS B 530 4.84 0.94 4.86
CA HIS B 530 5.37 2.27 5.24
C HIS B 530 6.62 2.49 4.39
N ASP B 531 7.75 2.85 5.00
CA ASP B 531 9.02 3.03 4.30
C ASP B 531 9.99 1.92 4.68
N GLU B 532 9.45 0.77 5.07
CA GLU B 532 10.24 -0.34 5.60
C GLU B 532 10.23 -1.54 4.65
N LEU B 533 11.34 -2.28 4.64
CA LEU B 533 11.44 -3.54 3.92
C LEU B 533 11.77 -4.61 4.94
N ILE B 534 11.02 -5.71 4.93
CA ILE B 534 11.16 -6.77 5.94
C ILE B 534 11.55 -8.05 5.22
N LEU B 535 12.66 -8.65 5.67
CA LEU B 535 13.18 -9.91 5.16
C LEU B 535 13.24 -10.94 6.27
N GLU B 536 13.43 -12.20 5.89
CA GLU B 536 13.88 -13.22 6.83
C GLU B 536 15.08 -13.93 6.21
N ALA B 537 15.97 -14.43 7.07
CA ALA B 537 17.19 -15.06 6.58
C ALA B 537 17.74 -15.97 7.67
N PRO B 538 18.54 -16.97 7.28
CA PRO B 538 19.30 -17.72 8.28
C PRO B 538 20.07 -16.77 9.19
N LYS B 539 20.16 -17.15 10.47
CA LYS B 539 20.92 -16.30 11.39
C LYS B 539 22.35 -16.11 10.90
N GLU B 540 22.90 -17.09 10.18
CA GLU B 540 24.24 -17.00 9.62
C GLU B 540 24.37 -15.97 8.48
N GLU B 541 23.28 -15.35 8.04
CA GLU B 541 23.36 -14.31 7.02
C GLU B 541 23.19 -12.91 7.58
N MET B 542 22.99 -12.77 8.89
CA MET B 542 22.67 -11.44 9.43
C MET B 542 23.82 -10.47 9.23
N GLU B 543 25.05 -10.89 9.53
CA GLU B 543 26.14 -9.93 9.43
C GLU B 543 26.31 -9.44 8.00
N ARG B 544 26.21 -10.35 7.03
CA ARG B 544 26.25 -9.91 5.63
C ARG B 544 25.11 -8.97 5.29
N LEU B 545 23.90 -9.27 5.76
CA LEU B 545 22.77 -8.39 5.45
C LEU B 545 22.92 -7.01 6.07
N CYS B 546 23.57 -6.93 7.24
CA CYS B 546 23.79 -5.62 7.86
C CYS B 546 24.62 -4.71 6.96
N ARG B 547 25.50 -5.27 6.14
CA ARG B 547 26.19 -4.40 5.18
C ARG B 547 25.42 -4.25 3.88
N LEU B 548 24.84 -5.35 3.39
CA LEU B 548 24.29 -5.39 2.05
C LEU B 548 23.00 -4.59 1.95
N VAL B 549 22.05 -4.83 2.86
CA VAL B 549 20.73 -4.23 2.71
C VAL B 549 20.77 -2.71 2.77
N PRO B 550 21.39 -2.08 3.78
CA PRO B 550 21.42 -0.61 3.77
C PRO B 550 22.14 -0.06 2.54
N GLU B 551 23.23 -0.70 2.11
CA GLU B 551 23.93 -0.24 0.93
C GLU B 551 23.03 -0.22 -0.29
N VAL B 552 22.30 -1.31 -0.52
CA VAL B 552 21.42 -1.36 -1.69
C VAL B 552 20.35 -0.29 -1.59
N MET B 553 19.78 -0.13 -0.41
CA MET B 553 18.71 0.87 -0.26
C MET B 553 19.24 2.30 -0.39
N GLU B 554 20.40 2.59 0.19
CA GLU B 554 20.98 3.93 0.08
C GLU B 554 21.34 4.28 -1.36
N GLN B 555 21.66 3.29 -2.17
CA GLN B 555 22.16 3.53 -3.52
C GLN B 555 21.10 3.39 -4.58
N ALA B 556 19.84 3.15 -4.18
CA ALA B 556 18.78 2.88 -5.16
C ALA B 556 18.65 4.03 -6.15
N VAL B 557 18.71 5.26 -5.67
CA VAL B 557 18.78 6.44 -6.51
C VAL B 557 19.85 7.34 -5.94
N THR B 558 20.26 8.32 -6.72
CA THR B 558 21.22 9.31 -6.25
C THR B 558 20.50 10.65 -6.19
N LEU B 559 20.37 11.18 -4.99
CA LEU B 559 19.74 12.48 -4.76
C LEU B 559 20.76 13.51 -4.34
N ARG B 560 20.31 14.77 -4.26
CA ARG B 560 21.13 15.87 -3.76
C ARG B 560 21.42 15.75 -2.27
N VAL B 561 20.73 14.87 -1.56
CA VAL B 561 21.02 14.58 -0.17
C VAL B 561 21.16 13.07 -0.03
N PRO B 562 21.88 12.61 0.99
CA PRO B 562 21.98 11.16 1.21
C PRO B 562 20.63 10.56 1.51
N LEU B 563 20.45 9.30 1.14
CA LEU B 563 19.39 8.48 1.71
C LEU B 563 19.93 7.77 2.93
N LYS B 564 19.16 7.78 4.02
CA LYS B 564 19.57 7.19 5.29
C LYS B 564 18.69 6.00 5.58
N VAL B 565 19.30 4.90 6.02
CA VAL B 565 18.58 3.66 6.27
C VAL B 565 18.90 3.19 7.68
N ASP B 566 17.87 2.86 8.44
CA ASP B 566 18.03 2.23 9.74
C ASP B 566 17.71 0.74 9.59
N TYR B 567 18.41 -0.09 10.34
CA TYR B 567 18.22 -1.51 10.12
C TYR B 567 18.53 -2.26 11.40
N HIS B 568 17.78 -3.35 11.60
CA HIS B 568 17.83 -4.13 12.82
C HIS B 568 17.39 -5.55 12.47
N TYR B 569 17.74 -6.50 13.33
CA TYR B 569 17.24 -7.85 13.17
C TYR B 569 16.88 -8.40 14.55
N GLY B 570 16.07 -9.46 14.52
CA GLY B 570 15.58 -9.99 15.78
C GLY B 570 14.73 -11.22 15.53
N SER B 571 14.23 -11.76 16.63
CA SER B 571 13.48 -13.02 16.58
C SER B 571 12.03 -12.83 16.16
N THR B 572 11.53 -11.59 16.14
CA THR B 572 10.23 -11.25 15.60
C THR B 572 10.34 -9.92 14.87
N TRP B 573 9.30 -9.57 14.13
CA TRP B 573 9.29 -8.27 13.47
C TRP B 573 9.40 -7.15 14.49
N TYR B 574 8.74 -7.32 15.63
CA TYR B 574 8.78 -6.29 16.67
C TYR B 574 10.19 -6.14 17.23
N ASP B 575 10.89 -7.26 17.40
CA ASP B 575 12.22 -7.23 17.99
C ASP B 575 13.30 -6.85 17.00
N ALA B 576 12.97 -6.77 15.71
CA ALA B 576 13.90 -6.27 14.71
C ALA B 576 13.91 -4.74 14.76
N LYS B 577 14.31 -4.23 15.92
CA LYS B 577 14.28 -2.80 16.21
C LYS B 577 15.51 -2.39 17.00
P GFL C 1 -14.89 17.54 7.51
O1P GFL C 1 -13.61 17.23 8.26
O2P GFL C 1 -15.56 18.77 8.13
O5' GFL C 1 -14.53 17.84 5.91
C5' GFL C 1 -13.29 17.38 5.40
C4' GFL C 1 -12.86 18.17 4.39
O4' GFL C 1 -11.95 19.26 4.91
C3' GFL C 1 -11.91 17.35 3.41
O3' GFL C 1 -12.70 16.53 2.46
C2' GFL C 1 -11.24 18.25 2.84
C1' GFL C 1 -11.08 19.48 3.95
N9 GFL C 1 -9.77 19.62 4.47
C8 GFL C 1 -8.84 20.60 4.52
N7 GFL C 1 -7.74 20.13 5.17
C5 GFL C 1 -8.00 18.86 5.52
C6 GFL C 1 -7.16 17.83 6.25
O6 GFL C 1 -6.09 18.09 6.61
N1 GFL C 1 -7.70 16.51 6.49
C2 GFL C 1 -9.02 16.17 6.05
N2 GFL C 1 -9.59 14.81 6.29
N3 GFL C 1 -9.81 17.17 5.34
C4 GFL C 1 -9.26 18.54 5.08
F GFL C 1 -9.99 17.73 2.40
P UF2 C 2 -12.61 14.92 2.52
O1P UF2 C 2 -13.69 14.32 1.65
O5' UF2 C 2 -11.13 14.58 1.88
C5' UF2 C 2 -10.98 14.74 0.50
C4' UF2 C 2 -10.19 13.71 -0.03
C3' UF2 C 2 -10.99 12.37 -0.16
O3' UF2 C 2 -10.64 11.77 -1.50
C2' UF2 C 2 -10.55 11.60 0.75
F2' UF2 C 2 -11.14 11.72 1.66
C1' UF2 C 2 -8.99 12.10 0.99
O4' UF2 C 2 -9.02 13.38 0.91
N1 UF2 C 2 -8.45 11.75 2.27
C6 UF2 C 2 -8.96 12.38 3.48
C5 UF2 C 2 -8.39 12.04 4.80
C4 UF2 C 2 -7.30 11.04 4.91
N3 UF2 C 2 -6.77 10.41 3.70
C2 UF2 C 2 -7.35 10.75 2.36
O2 UF2 C 2 -6.93 10.24 1.37
O4 UF2 C 2 -6.84 10.77 5.96
O2P UF2 C 2 -12.71 14.45 3.95
F A5L C 3 -11.54 6.63 0.54
P A5L C 3 -11.81 11.28 -2.50
N1 A5L C 3 -7.33 7.15 5.13
C2 A5L C 3 -6.86 6.55 4.01
N3 A5L C 3 -7.53 6.69 2.84
C4 A5L C 3 -8.66 7.41 2.79
C5 A5L C 3 -9.13 7.99 3.90
C6 A5L C 3 -8.45 7.86 5.08
N6 A5L C 3 -8.57 8.29 6.46
N7 A5L C 3 -10.26 8.62 3.58
C8 A5L C 3 -10.49 8.44 2.28
N9 A5L C 3 -9.51 7.68 1.79
C1' A5L C 3 -9.35 7.22 0.38
C2' A5L C 3 -10.30 6.43 -0.07
C3' A5L C 3 -10.46 6.76 -1.71
O3' A5L C 3 -9.62 5.87 -2.51
C4' A5L C 3 -10.15 7.97 -1.89
O4' A5L C 3 -9.31 8.43 -0.58
C5' A5L C 3 -11.45 8.76 -2.00
O5' A5L C 3 -11.33 9.78 -2.96
OP1 A5L C 3 -11.89 12.22 -3.67
OP2 A5L C 3 -13.11 11.20 -1.74
P CFL C 4 -10.14 4.39 -2.88
O1P CFL C 4 -11.66 4.40 -2.90
O2P CFL C 4 -9.59 3.98 -4.22
O5' CFL C 4 -9.55 3.44 -1.67
C5' CFL C 4 -8.17 3.39 -1.55
C4' CFL C 4 -7.72 2.69 -0.28
O4' CFL C 4 -7.99 3.61 1.02
C3' CFL C 4 -8.32 1.54 -0.08
O3' CFL C 4 -7.25 0.50 -0.15
C2' CFL C 4 -8.96 1.59 1.33
C1' CFL C 4 -8.26 2.81 2.00
N1 CFL C 4 -9.07 3.54 2.98
C2 CFL C 4 -8.63 3.59 4.39
O2 CFL C 4 -7.65 3.00 4.72
N3 CFL C 4 -9.42 4.36 5.39
C4 CFL C 4 -10.62 5.07 4.99
N4 CFL C 4 -11.38 5.82 5.98
C5 CFL C 4 -11.06 5.05 3.57
C6 CFL C 4 -10.27 4.28 2.57
F CFL C 4 -10.27 1.72 1.29
P GFL C 5 -7.60 -1.06 -0.30
O1P GFL C 5 -6.58 -1.73 -1.23
O2P GFL C 5 -9.03 -1.23 -0.80
O5' GFL C 5 -7.40 -1.67 1.21
C5' GFL C 5 -8.42 -1.45 2.16
C4' GFL C 5 -7.91 -1.94 3.32
O4' GFL C 5 -8.05 -0.90 4.39
C3' GFL C 5 -8.84 -3.14 3.73
O3' GFL C 5 -8.02 -4.19 4.38
C2' GFL C 5 -9.71 -2.62 4.49
C1' GFL C 5 -9.09 -1.22 5.11
N9 GFL C 5 -10.00 -0.13 5.07
C8 GFL C 5 -10.76 0.48 4.16
N7 GFL C 5 -11.39 1.52 4.78
C5 GFL C 5 -10.99 1.54 6.06
C6 GFL C 5 -11.35 2.46 7.21
O6 GFL C 5 -12.09 3.34 7.06
N1 GFL C 5 -10.74 2.24 8.51
C2 GFL C 5 -9.82 1.16 8.71
N2 GFL C 5 -9.21 0.94 10.05
N3 GFL C 5 -9.49 0.29 7.59
C4 GFL C 5 -10.11 0.51 6.24
F GFL C 5 -10.84 -2.31 3.69
P UF2 C 6 -8.67 -5.64 4.62
O1P UF2 C 6 -9.55 -6.01 3.45
O5' UF2 C 6 -9.55 -5.45 6.00
C5' UF2 C 6 -8.86 -5.12 7.17
C4' UF2 C 6 -9.77 -4.65 8.13
C3' UF2 C 6 -11.06 -5.54 8.21
O3' UF2 C 6 -10.89 -6.40 9.42
C2' UF2 C 6 -12.05 -4.72 8.35
F2' UF2 C 6 -12.77 -4.75 7.52
C1' UF2 C 6 -11.39 -3.20 8.49
O4' UF2 C 6 -10.31 -3.26 7.79
N1 UF2 C 6 -12.20 -2.14 7.98
C6 UF2 C 6 -12.42 -2.06 6.55
C5 UF2 C 6 -13.23 -0.97 5.98
C4 UF2 C 6 -13.80 0.08 6.86
N3 UF2 C 6 -13.57 0.03 8.30
C2 UF2 C 6 -12.77 -1.07 8.88
O2 UF2 C 6 -12.58 -1.11 10.05
O4 UF2 C 6 -14.44 0.98 6.40
O2P UF2 C 6 -7.53 -6.62 4.85
P GFL C 7 -11.93 -7.58 9.73
O1P GFL C 7 -11.14 -8.80 10.25
O2P GFL C 7 -12.79 -7.85 8.51
O5' GFL C 7 -12.88 -6.95 10.94
C5' GFL C 7 -12.27 -6.52 12.15
C4' GFL C 7 -13.12 -5.66 12.77
O4' GFL C 7 -13.39 -4.42 11.95
C3' GFL C 7 -14.55 -6.33 12.97
O3' GFL C 7 -14.79 -6.32 14.43
C2' GFL C 7 -15.41 -5.62 12.37
C1' GFL C 7 -14.67 -4.17 12.04
N9 GFL C 7 -15.07 -3.62 10.81
C8 GFL C 7 -14.98 -3.92 9.50
N7 GFL C 7 -15.57 -2.90 8.80
C5 GFL C 7 -15.99 -1.99 9.68
C6 GFL C 7 -16.71 -0.65 9.51
O6 GFL C 7 -16.98 -0.24 8.46
N1 GFL C 7 -17.04 0.14 10.67
C2 GFL C 7 -16.70 -0.33 11.98
N2 GFL C 7 -17.06 0.50 13.17
N3 GFL C 7 -16.03 -1.60 12.14
C4 GFL C 7 -15.68 -2.43 10.94
F GFL C 7 -15.80 -6.22 11.14
F A5L C 8 -20.67 -4.78 13.74
P A5L C 8 -16.00 -7.19 15.06
N1 A5L C 8 -20.35 -0.22 9.72
C2 A5L C 8 -20.46 0.17 11.02
N3 A5L C 8 -20.13 -0.70 12.00
C4 A5L C 8 -19.70 -1.94 11.70
C5 A5L C 8 -19.59 -2.31 10.43
C6 A5L C 8 -19.92 -1.43 9.42
N6 A5L C 8 -19.95 -1.42 7.98
N7 A5L C 8 -19.14 -3.58 10.40
C8 A5L C 8 -18.98 -3.99 11.66
N9 A5L C 8 -19.33 -2.99 12.46
C1' A5L C 8 -19.27 -3.01 13.95
C2' A5L C 8 -20.16 -3.77 14.55
C3' A5L C 8 -19.36 -4.52 15.85
O3' A5L C 8 -20.04 -4.19 17.10
C4' A5L C 8 -18.19 -4.06 15.88
O4' A5L C 8 -17.92 -3.58 14.36
C5' A5L C 8 -17.15 -5.16 16.22
O5' A5L C 8 -17.22 -6.12 15.21
OP1 A5L C 8 -15.57 -7.73 16.41
OP2 A5L C 8 -16.43 -8.26 14.10
P UF2 C 9 -21.51 -4.78 17.41
O1P UF2 C 9 -21.68 -6.11 16.73
O5' UF2 C 9 -22.55 -3.67 16.77
C5' UF2 C 9 -22.37 -2.31 17.03
C4' UF2 C 9 -23.21 -1.55 16.21
C3' UF2 C 9 -24.70 -2.06 16.19
O3' UF2 C 9 -25.50 -1.01 16.91
C2' UF2 C 9 -25.03 -2.14 14.95
F2' UF2 C 9 -25.19 -3.17 14.60
C1' UF2 C 9 -23.84 -1.39 14.07
O4' UF2 C 9 -22.75 -1.55 14.75
N1 UF2 C 9 -23.60 -1.93 12.76
C6 UF2 C 9 -22.90 -3.18 12.63
C5 UF2 C 9 -22.62 -3.75 11.31
C4 UF2 C 9 -23.02 -3.03 10.08
N3 UF2 C 9 -23.72 -1.75 10.18
C2 UF2 C 9 -24.00 -1.19 11.53
O2 UF2 C 9 -24.57 -0.14 11.61
O4 UF2 C 9 -22.79 -3.49 9.01
O2P UF2 C 9 -21.69 -4.89 18.91
P CFL C 10 -26.94 -1.36 17.54
O1P CFL C 10 -27.27 -0.36 18.63
O2P CFL C 10 -27.02 -2.78 18.07
O5' CFL C 10 -27.97 -1.06 16.32
C5' CFL C 10 -28.07 0.29 15.96
C4' CFL C 10 -28.61 0.40 14.54
O4' CFL C 10 -27.64 -0.36 13.51
C3' CFL C 10 -29.76 -0.20 14.47
O3' CFL C 10 -30.79 0.89 14.60
C2' CFL C 10 -29.79 -0.85 13.06
C1' CFL C 10 -28.40 -0.56 12.47
N1 CFL C 10 -27.80 -1.66 11.68
C2 CFL C 10 -27.75 -1.55 10.20
O2 CFL C 10 -28.20 -0.59 9.65
N3 CFL C 10 -27.13 -2.64 9.42
C4 CFL C 10 -26.57 -3.81 10.07
N4 CFL C 10 -25.98 -4.87 9.29
C5 CFL C 10 -26.63 -3.92 11.56
C6 CFL C 10 -27.25 -2.81 12.35
F CFL C 10 -29.99 -2.15 13.17
P GFL C 11 -32.35 0.55 14.50
O1P GFL C 11 -32.60 -0.93 14.81
O2P GFL C 11 -33.11 1.45 15.45
O5' GFL C 11 -32.71 0.92 12.91
C5' GFL C 11 -33.59 0.02 12.27
C4' GFL C 11 -33.72 0.22 10.94
O4' GFL C 11 -32.45 -0.19 10.24
C3' GFL C 11 -34.81 -0.87 10.56
O3' GFL C 11 -36.20 -0.43 10.15
C2' GFL C 11 -34.27 -1.71 9.78
C1' GFL C 11 -32.72 -1.21 9.46
N9 GFL C 11 -31.82 -2.30 9.66
C8 GFL C 11 -31.51 -3.11 10.69
N7 GFL C 11 -30.56 -3.98 10.25
C5 GFL C 11 -30.28 -3.70 8.98
C6 GFL C 11 -29.30 -4.33 8.01
O6 GFL C 11 -28.65 -5.23 8.35
N1 GFL C 11 -29.20 -3.84 6.66
C2 GFL C 11 -30.01 -2.73 6.24
N2 GFL C 11 -29.90 -2.22 4.85
N3 GFL C 11 -30.96 -2.12 7.19
C4 GFL C 11 -31.07 -2.64 8.60
F GFL C 11 -34.27 -2.93 10.49
P CFL C 12 -36.47 0.81 9.16
O1P CFL C 12 -35.46 1.91 9.34
O2P CFL C 12 -37.88 1.30 9.42
O5' CFL C 12 -36.41 0.16 7.65
C5' CFL C 12 -36.85 -1.15 7.45
C4' CFL C 12 -36.00 -1.74 6.35
O4' CFL C 12 -34.70 -2.46 6.98
C3' CFL C 12 -36.67 -2.63 5.68
O3' CFL C 12 -36.71 -2.24 4.23
C2' CFL C 12 -35.92 -3.97 5.86
C1' CFL C 12 -34.49 -3.51 6.27
N1 CFL C 12 -33.77 -4.55 7.04
C2 CFL C 12 -32.58 -5.19 6.43
O2 CFL C 12 -32.22 -4.88 5.35
N3 CFL C 12 -31.85 -6.22 7.21
C4 CFL C 12 -32.27 -6.62 8.54
N4 CFL C 12 -31.54 -7.63 9.27
C5 CFL C 12 -33.47 -5.98 9.15
C6 CFL C 12 -34.21 -4.94 8.37
F CFL C 12 -36.50 -4.70 6.78
F A5L C 13 -37.49 -6.17 4.06
P A5L C 13 -38.11 -2.72 3.74
N1 A5L C 13 -32.08 -10.20 5.16
C2 A5L C 13 -32.24 -9.77 3.88
N3 A5L C 13 -33.26 -8.94 3.57
C4 A5L C 13 -34.11 -8.53 4.53
C5 A5L C 13 -33.96 -8.94 5.79
C6 A5L C 13 -32.91 -9.80 6.10
N6 A5L C 13 -32.36 -10.48 7.25
N7 A5L C 13 -34.93 -8.38 6.52
C8 A5L C 13 -35.69 -7.63 5.71
N9 A5L C 13 -35.17 -7.73 4.48
C1' A5L C 13 -35.63 -7.09 3.21
C2' A5L C 13 -36.90 -6.92 3.04
C3' A5L C 13 -36.89 -6.01 1.63
O3' A5L C 13 -36.59 -6.88 0.49
C4' A5L C 13 -35.95 -5.17 1.75
O4' A5L C 13 -35.11 -5.65 3.05
C5' A5L C 13 -36.49 -3.73 1.95
O5' A5L C 13 -37.76 -3.77 2.52
OP1 A5L C 13 -38.62 -1.42 3.18
OP2 A5L C 13 -39.17 -3.32 4.64
C1 MPD D . -4.27 12.65 4.05
C2 MPD D . -4.28 13.33 2.70
O2 MPD D . -3.32 14.40 2.66
CM MPD D . -3.88 12.30 1.61
C3 MPD D . -5.66 13.91 2.38
C4 MPD D . -5.98 15.24 3.09
O4 MPD D . -5.42 16.30 2.35
C5 MPD D . -7.50 15.33 3.16
H11 MPD D . -3.45 13.06 4.65
H12 MPD D . -5.21 12.83 4.55
H13 MPD D . -4.12 11.58 3.92
HO2 MPD D . -2.84 14.40 1.79
HM1 MPD D . -4.70 12.20 0.90
HM2 MPD D . -2.99 12.66 1.09
HM3 MPD D . -3.68 11.34 2.09
H31 MPD D . -5.73 14.06 1.30
H32 MPD D . -6.41 13.18 2.66
H4 MPD D . -5.55 15.28 4.08
HO4 MPD D . -4.69 15.96 1.79
H51 MPD D . -7.94 14.86 2.28
H52 MPD D . -7.85 14.84 4.06
H53 MPD D . -7.79 16.38 3.19
C1 MPD E . -13.77 -12.12 -32.43
C2 MPD E . -13.51 -12.16 -30.93
O2 MPD E . -12.32 -12.95 -30.70
CM MPD E . -13.27 -10.73 -30.44
C3 MPD E . -14.69 -12.78 -30.19
C4 MPD E . -14.90 -14.26 -30.49
O4 MPD E . -13.69 -14.85 -30.87
C5 MPD E . -15.48 -14.96 -29.26
H11 MPD E . -13.72 -13.12 -32.84
H12 MPD E . -14.75 -11.70 -32.62
H13 MPD E . -13.01 -11.49 -32.91
HO2 MPD E . -12.40 -13.42 -29.84
HM1 MPD E . -14.05 -10.45 -29.73
HM2 MPD E . -12.30 -10.68 -29.94
HM3 MPD E . -13.29 -10.05 -31.28
H31 MPD E . -14.52 -12.66 -29.12
H32 MPD E . -15.59 -12.24 -30.44
H4 MPD E . -15.61 -14.37 -31.31
HO4 MPD E . -13.20 -15.15 -30.07
H51 MPD E . -14.67 -15.44 -28.71
H52 MPD E . -15.97 -14.21 -28.62
H53 MPD E . -16.20 -15.70 -29.57
C1 MPD F . -0.46 23.98 4.51
C2 MPD F . 0.57 22.85 4.42
O2 MPD F . 1.60 23.18 3.48
CM MPD F . 1.18 22.65 5.81
C3 MPD F . -0.09 21.56 3.96
C4 MPD F . 0.11 21.17 2.49
O4 MPD F . 1.46 20.83 2.26
C5 MPD F . -0.85 19.99 2.30
H11 MPD F . -0.21 24.76 3.79
H12 MPD F . -1.46 23.58 4.28
H13 MPD F . -0.47 24.39 5.52
HO2 MPD F . 2.41 23.46 3.97
HM1 MPD F . 0.99 21.65 6.15
HM2 MPD F . 2.27 22.82 5.75
HM3 MPD F . 0.75 23.37 6.50
H31 MPD F . 0.29 20.76 4.58
H32 MPD F . -1.16 21.65 4.13
H4 MPD F . -0.11 21.97 1.78
HO4 MPD F . 1.99 21.65 2.15
H51 MPD F . -0.66 19.24 3.06
H52 MPD F . -1.88 20.34 2.36
H53 MPD F . -0.68 19.55 1.31
S SO4 G . 10.85 11.36 16.31
O1 SO4 G . 11.24 10.19 17.09
O2 SO4 G . 10.11 10.94 15.12
O3 SO4 G . 10.01 12.22 17.15
O4 SO4 G . 12.03 12.09 15.89
S SO4 H . -11.67 -12.65 -37.29
O1 SO4 H . -10.27 -13.06 -37.42
O2 SO4 H . -12.46 -13.26 -38.37
O3 SO4 H . -12.20 -13.09 -36.01
O4 SO4 H . -11.77 -11.19 -37.39
MG MG I . 8.58 8.99 7.17
#